data_9MYE
#
_entry.id   9MYE
#
_cell.length_a   77.970
_cell.length_b   102.340
_cell.length_c   112.230
_cell.angle_alpha   90.00
_cell.angle_beta   90.00
_cell.angle_gamma   90.00
#
_symmetry.space_group_name_H-M   'P 21 21 21'
#
loop_
_entity.id
_entity.type
_entity.pdbx_description
1 polymer 'DNA polymerase'
2 polymer Template
3 polymer Primer
4 water water
#
loop_
_entity_poly.entity_id
_entity_poly.type
_entity_poly.pdbx_seq_one_letter_code
_entity_poly.pdbx_strand_id
1 'polypeptide(L)'
;MILDADYITEDGKPIIRIFKKENGEFKVEYDRNFRPYIYALLKDDSAIEDVKKITAERHGTTVRVVRAEKVKKKFLGRPI
EVWKLYFNHPQDQPAIRDRIRAHPAVVDIYEYDIPFAKRYLIDKGLIPMEGDEELTMLAFAIATLYHEGEEFGTGPILMI
SYADGSEARVITWKKIDLPYVDVVSTEKEMIKRFLRVVREKDPDVLITYNGDNFDFAYLKKRCEELGIKFTLGRDGSEPK
IQRMGDRFAVEVKGRIHFDLYPVIRRTINLPTYTLEAVYEAIFGQPKEKVYAEEIAQAWETGEGLERVARYSMEDAKVTY
ELGKEFLPMEAQLSRLIGQSLWDVSRSSTGNLVEWFLLRKAYERNELAPNKPDEREYERRLRESYAGGYVKEPEKGLWEG
LVSLDFRSLGPSIIITHNVSPDTLNREGCREYDVAPEVGHKFCKDFPGFIPSLLGDLLEERQKVKKKMKATIDPIEKKLL
DYRQRLIKILANSFYGYYGYAKARWYCKECAESVTAWGRQYIETTIREIEEKFGFKVLYADTDGFFATIPGADAETVKKK
AKEFLDYINAKLPGLLELEYEGFYKRGFFVTKKKYAVIDEEDKITTRGLEIVRRDWSEIAKETQARVLEAILKHGDVEEA
VRIVKEVTEKLSKYEVPPEKLVIYKQITRDLKDYKATGPHVAVAKRLAARGVKIRPGTVISYIVLKGSGRIGDRAIPFDE
FDPTKHKYDAEYYIENQVLPAVERILRASHYRKEDLRYQKTRQVGLSAWLKPKT
;
A
2 'polydeoxyribonucleotide' (DA)(DA)(DA)(DC)(DG)(DT)(DA)(DC)(DG)(DC)(DA)(DG)(DT)(DT)(DC)(DG)(DC)(DG) T
3 'polydeoxyribonucleotide/polyribonucleotide hybrid' (DC)(DG)(DC)(DG)(DA)(DA)(DC)(DT)(DG)(DC)(DG)U P
#
# COMPACT_ATOMS: atom_id res chain seq x y z
N MET A 1 -4.41 -24.31 8.01
CA MET A 1 -4.26 -23.00 7.41
C MET A 1 -2.95 -22.94 6.64
N ILE A 2 -3.01 -22.48 5.39
CA ILE A 2 -1.83 -22.37 4.56
C ILE A 2 -1.08 -21.08 4.91
N LEU A 3 0.20 -21.22 5.23
CA LEU A 3 1.04 -20.07 5.50
C LEU A 3 1.74 -19.56 4.24
N ASP A 4 2.42 -20.46 3.53
CA ASP A 4 3.21 -20.11 2.36
C ASP A 4 3.29 -21.34 1.45
N ALA A 5 3.94 -21.17 0.31
CA ALA A 5 4.17 -22.29 -0.60
C ALA A 5 5.33 -21.94 -1.51
N ASP A 6 6.23 -22.91 -1.70
CA ASP A 6 7.29 -22.74 -2.67
C ASP A 6 7.51 -24.08 -3.37
N TYR A 7 8.66 -24.22 -4.02
CA TYR A 7 9.00 -25.47 -4.68
C TYR A 7 10.47 -25.76 -4.47
N ILE A 8 10.79 -27.03 -4.27
CA ILE A 8 12.16 -27.50 -4.29
C ILE A 8 12.28 -28.38 -5.53
N THR A 9 13.46 -28.92 -5.76
CA THR A 9 13.69 -29.81 -6.90
C THR A 9 14.16 -31.17 -6.38
N GLU A 10 13.59 -32.23 -6.93
CA GLU A 10 13.92 -33.59 -6.55
C GLU A 10 14.02 -34.42 -7.82
N ASP A 11 15.23 -34.93 -8.09
CA ASP A 11 15.51 -35.69 -9.30
C ASP A 11 15.14 -34.90 -10.55
N GLY A 12 15.40 -33.60 -10.52
CA GLY A 12 15.11 -32.72 -11.62
C GLY A 12 13.66 -32.29 -11.73
N LYS A 13 12.77 -32.83 -10.92
CA LYS A 13 11.37 -32.48 -10.99
C LYS A 13 10.97 -31.55 -9.86
N PRO A 14 10.07 -30.62 -10.12
CA PRO A 14 9.61 -29.71 -9.07
C PRO A 14 8.60 -30.38 -8.15
N ILE A 15 8.75 -30.10 -6.86
CA ILE A 15 7.81 -30.57 -5.83
C ILE A 15 7.34 -29.34 -5.07
N ILE A 16 6.04 -29.04 -5.16
CA ILE A 16 5.50 -27.91 -4.43
C ILE A 16 5.49 -28.25 -2.94
N ARG A 17 5.94 -27.31 -2.11
CA ARG A 17 5.88 -27.45 -0.66
C ARG A 17 4.82 -26.49 -0.13
N ILE A 18 3.81 -27.04 0.54
CA ILE A 18 2.74 -26.26 1.15
C ILE A 18 3.03 -26.19 2.64
N PHE A 19 3.49 -25.03 3.12
CA PHE A 19 3.74 -24.84 4.54
C PHE A 19 2.42 -24.56 5.25
N LYS A 20 2.06 -25.39 6.21
CA LYS A 20 0.77 -25.32 6.86
C LYS A 20 0.94 -25.19 8.37
N LYS A 21 -0.16 -24.83 9.03
CA LYS A 21 -0.25 -24.86 10.47
C LYS A 21 -1.64 -25.37 10.81
N GLU A 22 -1.72 -26.56 11.41
CA GLU A 22 -2.99 -27.21 11.72
C GLU A 22 -2.95 -27.69 13.16
N ASN A 23 -4.00 -27.36 13.92
CA ASN A 23 -4.11 -27.73 15.33
C ASN A 23 -2.86 -27.31 16.11
N GLY A 24 -2.40 -26.09 15.87
CA GLY A 24 -1.22 -25.58 16.52
C GLY A 24 0.07 -26.28 16.16
N GLU A 25 0.07 -27.12 15.14
CA GLU A 25 1.25 -27.88 14.75
C GLU A 25 1.69 -27.46 13.34
N PHE A 26 2.99 -27.27 13.18
CA PHE A 26 3.54 -27.04 11.85
C PHE A 26 3.48 -28.34 11.05
N LYS A 27 3.12 -28.21 9.77
CA LYS A 27 3.10 -29.34 8.86
C LYS A 27 3.55 -28.86 7.48
N VAL A 28 3.97 -29.81 6.66
CA VAL A 28 4.37 -29.53 5.29
C VAL A 28 3.76 -30.61 4.40
N GLU A 29 2.91 -30.19 3.47
CA GLU A 29 2.35 -31.08 2.47
C GLU A 29 3.15 -30.95 1.17
N TYR A 30 3.25 -32.05 0.43
CA TYR A 30 4.07 -32.11 -0.77
C TYR A 30 3.22 -32.53 -1.96
N ASP A 31 3.34 -31.78 -3.05
CA ASP A 31 2.68 -32.11 -4.31
C ASP A 31 3.75 -32.28 -5.37
N ARG A 32 3.86 -33.49 -5.91
CA ARG A 32 4.88 -33.80 -6.90
C ARG A 32 4.34 -33.87 -8.33
N ASN A 33 3.05 -33.61 -8.52
CA ASN A 33 2.40 -33.81 -9.82
C ASN A 33 2.18 -32.52 -10.61
N PHE A 34 2.41 -31.35 -10.01
CA PHE A 34 2.15 -30.08 -10.70
C PHE A 34 3.33 -29.66 -11.56
N ARG A 35 3.03 -29.13 -12.74
CA ARG A 35 4.05 -28.74 -13.70
C ARG A 35 3.78 -27.36 -14.25
N PRO A 36 4.81 -26.61 -14.64
CA PRO A 36 4.58 -25.29 -15.22
C PRO A 36 4.03 -25.42 -16.64
N TYR A 37 3.36 -24.37 -17.09
CA TYR A 37 2.79 -24.39 -18.42
C TYR A 37 2.63 -22.96 -18.92
N ILE A 38 2.59 -22.84 -20.25
CA ILE A 38 2.15 -21.63 -20.93
C ILE A 38 1.06 -22.02 -21.92
N TYR A 39 0.40 -21.01 -22.48
CA TYR A 39 -0.58 -21.22 -23.53
C TYR A 39 -0.03 -20.69 -24.85
N ALA A 40 -0.37 -21.37 -25.94
CA ALA A 40 0.07 -20.98 -27.27
C ALA A 40 -1.11 -20.99 -28.23
N LEU A 41 -1.29 -19.87 -28.94
CA LEU A 41 -2.26 -19.78 -30.01
C LEU A 41 -1.58 -20.16 -31.31
N LEU A 42 -1.99 -21.29 -31.89
CA LEU A 42 -1.35 -21.84 -33.06
C LEU A 42 -2.13 -21.49 -34.32
N LYS A 43 -1.42 -21.27 -35.42
CA LYS A 43 -2.08 -21.01 -36.69
C LYS A 43 -2.81 -22.24 -37.19
N ASP A 44 -2.15 -23.40 -37.15
CA ASP A 44 -2.78 -24.66 -37.52
C ASP A 44 -2.46 -25.71 -36.46
N ASP A 45 -3.47 -26.47 -36.08
CA ASP A 45 -3.27 -27.56 -35.12
C ASP A 45 -2.16 -28.51 -35.56
N SER A 46 -1.97 -28.65 -36.87
CA SER A 46 -0.92 -29.53 -37.40
C SER A 46 0.48 -29.07 -37.01
N ALA A 47 0.64 -27.81 -36.62
CA ALA A 47 1.95 -27.29 -36.25
C ALA A 47 2.37 -27.67 -34.84
N ILE A 48 1.53 -28.39 -34.10
CA ILE A 48 1.88 -28.75 -32.72
C ILE A 48 3.00 -29.77 -32.70
N GLU A 49 3.14 -30.57 -33.76
CA GLU A 49 4.23 -31.53 -33.82
C GLU A 49 5.57 -30.81 -33.94
N ASP A 50 5.62 -29.74 -34.74
CA ASP A 50 6.84 -28.95 -34.83
C ASP A 50 7.08 -28.15 -33.55
N VAL A 51 6.01 -27.74 -32.87
CA VAL A 51 6.17 -26.94 -31.65
C VAL A 51 6.71 -27.79 -30.51
N LYS A 52 6.22 -29.03 -30.38
CA LYS A 52 6.77 -29.93 -29.38
C LYS A 52 8.27 -30.10 -29.57
N LYS A 53 8.72 -30.22 -30.82
CA LYS A 53 10.13 -30.42 -31.12
C LYS A 53 10.97 -29.17 -30.93
N ILE A 54 10.37 -28.04 -30.55
CA ILE A 54 11.17 -26.88 -30.15
C ILE A 54 11.87 -27.23 -28.84
N THR A 55 13.21 -27.15 -28.85
CA THR A 55 14.02 -27.48 -27.69
C THR A 55 14.91 -26.32 -27.28
N ALA A 56 15.20 -26.27 -25.99
CA ALA A 56 16.17 -25.30 -25.45
C ALA A 56 17.24 -26.02 -24.66
N GLU A 57 18.36 -25.33 -24.43
CA GLU A 57 19.48 -25.86 -23.67
C GLU A 57 19.82 -24.92 -22.53
N ARG A 58 19.26 -25.19 -21.35
CA ARG A 58 19.56 -24.48 -20.12
C ARG A 58 20.29 -25.42 -19.17
N HIS A 59 21.25 -24.88 -18.42
CA HIS A 59 22.02 -25.65 -17.45
C HIS A 59 22.83 -26.76 -18.12
N GLY A 60 23.07 -26.62 -19.43
CA GLY A 60 23.67 -27.69 -20.20
C GLY A 60 22.74 -28.84 -20.50
N THR A 61 21.46 -28.73 -20.15
CA THR A 61 20.49 -29.80 -20.31
C THR A 61 19.45 -29.37 -21.34
N THR A 62 19.21 -30.23 -22.32
CA THR A 62 18.22 -29.94 -23.36
C THR A 62 16.82 -29.99 -22.76
N VAL A 63 16.11 -28.86 -22.84
CA VAL A 63 14.77 -28.75 -22.28
C VAL A 63 13.76 -28.70 -23.42
N ARG A 64 12.56 -29.23 -23.15
CA ARG A 64 11.57 -29.42 -24.19
C ARG A 64 10.17 -29.31 -23.60
N VAL A 65 9.18 -29.19 -24.50
CA VAL A 65 7.79 -29.33 -24.10
C VAL A 65 7.52 -30.78 -23.74
N VAL A 66 7.03 -31.03 -22.54
CA VAL A 66 6.77 -32.40 -22.11
C VAL A 66 5.34 -32.85 -22.40
N ARG A 67 4.38 -31.92 -22.45
CA ARG A 67 3.02 -32.30 -22.76
C ARG A 67 2.31 -31.14 -23.46
N ALA A 68 1.73 -31.43 -24.62
CA ALA A 68 0.88 -30.49 -25.34
C ALA A 68 -0.57 -30.93 -25.18
N GLU A 69 -1.45 -29.96 -24.97
CA GLU A 69 -2.85 -30.25 -24.69
C GLU A 69 -3.69 -29.09 -25.20
N LYS A 70 -4.56 -29.36 -26.16
CA LYS A 70 -5.40 -28.30 -26.71
C LYS A 70 -6.59 -28.06 -25.79
N VAL A 71 -6.88 -26.79 -25.53
CA VAL A 71 -7.94 -26.43 -24.60
C VAL A 71 -8.76 -25.29 -25.19
N LYS A 72 -10.02 -25.22 -24.79
CA LYS A 72 -10.92 -24.17 -25.24
C LYS A 72 -11.17 -23.22 -24.08
N LYS A 73 -10.82 -21.95 -24.28
CA LYS A 73 -10.98 -20.93 -23.26
C LYS A 73 -11.69 -19.73 -23.85
N LYS A 74 -12.00 -18.76 -22.99
CA LYS A 74 -12.59 -17.50 -23.40
C LYS A 74 -11.53 -16.40 -23.30
N PHE A 75 -11.35 -15.66 -24.40
CA PHE A 75 -10.44 -14.52 -24.42
C PHE A 75 -11.26 -13.26 -24.65
N LEU A 76 -11.35 -12.43 -23.61
CA LEU A 76 -12.27 -11.30 -23.59
C LEU A 76 -13.67 -11.76 -23.96
N GLY A 77 -14.09 -12.86 -23.35
CA GLY A 77 -15.42 -13.40 -23.53
C GLY A 77 -15.63 -14.23 -24.77
N ARG A 78 -14.74 -14.14 -25.75
CA ARG A 78 -14.90 -14.93 -26.96
C ARG A 78 -14.21 -16.28 -26.77
N PRO A 79 -14.90 -17.38 -27.03
CA PRO A 79 -14.23 -18.68 -27.07
C PRO A 79 -12.98 -18.66 -27.93
N ILE A 80 -11.90 -19.26 -27.40
CA ILE A 80 -10.62 -19.34 -28.05
C ILE A 80 -10.09 -20.76 -27.89
N GLU A 81 -9.28 -21.18 -28.86
CA GLU A 81 -8.66 -22.51 -28.84
C GLU A 81 -7.15 -22.31 -28.79
N VAL A 82 -6.54 -22.72 -27.69
CA VAL A 82 -5.10 -22.57 -27.50
C VAL A 82 -4.53 -23.90 -27.01
N TRP A 83 -3.23 -24.06 -27.21
CA TRP A 83 -2.50 -25.24 -26.77
C TRP A 83 -1.84 -24.95 -25.43
N LYS A 84 -2.21 -25.74 -24.42
CA LYS A 84 -1.53 -25.72 -23.13
C LYS A 84 -0.23 -26.49 -23.27
N LEU A 85 0.90 -25.79 -23.12
CA LEU A 85 2.23 -26.38 -23.30
C LEU A 85 2.87 -26.54 -21.92
N TYR A 86 3.09 -27.78 -21.51
CA TYR A 86 3.68 -28.07 -20.21
C TYR A 86 5.19 -28.27 -20.33
N PHE A 87 5.91 -27.89 -19.27
CA PHE A 87 7.34 -28.10 -19.19
C PHE A 87 7.65 -28.94 -17.96
N ASN A 88 8.87 -29.48 -17.92
CA ASN A 88 9.27 -30.35 -16.82
C ASN A 88 9.59 -29.55 -15.57
N HIS A 89 10.27 -28.41 -15.72
CA HIS A 89 10.70 -27.61 -14.59
C HIS A 89 10.33 -26.15 -14.83
N PRO A 90 9.94 -25.42 -13.77
CA PRO A 90 9.63 -24.00 -13.97
C PRO A 90 10.82 -23.18 -14.42
N GLN A 91 12.05 -23.65 -14.18
CA GLN A 91 13.22 -22.84 -14.48
C GLN A 91 13.55 -22.81 -15.97
N ASP A 92 13.18 -23.85 -16.73
CA ASP A 92 13.45 -23.83 -18.15
C ASP A 92 12.31 -23.21 -18.95
N GLN A 93 11.27 -22.72 -18.28
CA GLN A 93 10.20 -22.00 -18.98
C GLN A 93 10.70 -20.69 -19.60
N PRO A 94 11.39 -19.80 -18.88
CA PRO A 94 11.84 -18.56 -19.52
C PRO A 94 12.83 -18.77 -20.65
N ALA A 95 13.50 -19.92 -20.70
CA ALA A 95 14.48 -20.16 -21.75
C ALA A 95 13.83 -20.61 -23.04
N ILE A 96 12.68 -21.28 -22.97
CA ILE A 96 12.06 -21.87 -24.14
C ILE A 96 10.82 -21.11 -24.60
N ARG A 97 10.27 -20.20 -23.78
CA ARG A 97 9.04 -19.52 -24.18
C ARG A 97 9.28 -18.55 -25.32
N ASP A 98 10.45 -17.90 -25.36
CA ASP A 98 10.74 -16.99 -26.47
C ASP A 98 10.92 -17.76 -27.78
N ARG A 99 11.46 -18.97 -27.72
CA ARG A 99 11.59 -19.76 -28.94
C ARG A 99 10.27 -20.35 -29.39
N ILE A 100 9.38 -20.65 -28.45
CA ILE A 100 8.04 -21.07 -28.84
C ILE A 100 7.30 -19.92 -29.52
N ARG A 101 7.40 -18.71 -28.95
CA ARG A 101 6.80 -17.53 -29.56
C ARG A 101 7.38 -17.26 -30.94
N ALA A 102 8.69 -17.43 -31.10
CA ALA A 102 9.35 -17.16 -32.37
C ALA A 102 8.92 -18.10 -33.49
N HIS A 103 8.26 -19.21 -33.16
CA HIS A 103 7.76 -20.10 -34.19
C HIS A 103 6.76 -19.35 -35.06
N PRO A 104 6.90 -19.38 -36.38
CA PRO A 104 5.97 -18.64 -37.24
C PRO A 104 4.54 -19.14 -37.18
N ALA A 105 4.32 -20.38 -36.74
CA ALA A 105 2.98 -20.91 -36.56
C ALA A 105 2.36 -20.52 -35.24
N VAL A 106 3.11 -19.84 -34.37
CA VAL A 106 2.60 -19.41 -33.07
C VAL A 106 2.29 -17.92 -33.18
N VAL A 107 1.01 -17.57 -33.02
CA VAL A 107 0.61 -16.17 -33.07
C VAL A 107 1.10 -15.44 -31.83
N ASP A 108 0.93 -16.05 -30.66
CA ASP A 108 1.35 -15.45 -29.40
C ASP A 108 1.27 -16.51 -28.30
N ILE A 109 1.89 -16.22 -27.17
CA ILE A 109 1.82 -17.07 -25.99
C ILE A 109 1.17 -16.27 -24.87
N TYR A 110 0.81 -16.97 -23.80
CA TYR A 110 0.01 -16.38 -22.74
C TYR A 110 0.36 -17.01 -21.41
N GLU A 111 0.13 -16.24 -20.35
CA GLU A 111 0.32 -16.70 -18.97
C GLU A 111 1.70 -17.33 -18.77
N TYR A 112 2.72 -16.62 -19.21
CA TYR A 112 4.09 -17.12 -19.18
C TYR A 112 4.95 -16.48 -18.10
N ASP A 113 4.41 -15.51 -17.36
CA ASP A 113 5.18 -14.77 -16.37
C ASP A 113 4.56 -14.87 -14.98
N ILE A 114 3.93 -16.00 -14.67
CA ILE A 114 3.30 -16.25 -13.39
C ILE A 114 4.17 -17.23 -12.62
N PRO A 115 4.64 -16.87 -11.42
CA PRO A 115 5.56 -17.75 -10.70
C PRO A 115 4.92 -19.09 -10.34
N PHE A 116 5.77 -20.11 -10.25
CA PHE A 116 5.30 -21.48 -10.05
C PHE A 116 4.46 -21.63 -8.79
N ALA A 117 4.92 -21.05 -7.69
CA ALA A 117 4.18 -21.16 -6.43
C ALA A 117 2.83 -20.47 -6.52
N LYS A 118 2.77 -19.28 -7.12
CA LYS A 118 1.50 -18.58 -7.22
C LYS A 118 0.58 -19.25 -8.24
N ARG A 119 1.16 -19.82 -9.29
CA ARG A 119 0.38 -20.63 -10.23
C ARG A 119 -0.31 -21.79 -9.52
N TYR A 120 0.38 -22.43 -8.57
CA TYR A 120 -0.17 -23.59 -7.89
C TYR A 120 -1.36 -23.20 -7.01
N LEU A 121 -1.19 -22.16 -6.18
CA LEU A 121 -2.26 -21.73 -5.29
C LEU A 121 -3.52 -21.36 -6.08
N ILE A 122 -3.34 -20.75 -7.25
CA ILE A 122 -4.49 -20.40 -8.08
C ILE A 122 -5.14 -21.66 -8.64
N ASP A 123 -4.36 -22.49 -9.34
CA ASP A 123 -4.94 -23.62 -10.07
C ASP A 123 -5.56 -24.64 -9.13
N LYS A 124 -5.10 -24.67 -7.88
CA LYS A 124 -5.61 -25.64 -6.91
C LYS A 124 -6.73 -25.06 -6.05
N GLY A 125 -7.05 -23.78 -6.22
CA GLY A 125 -8.08 -23.17 -5.40
C GLY A 125 -7.69 -23.03 -3.95
N LEU A 126 -6.40 -22.92 -3.66
CA LEU A 126 -5.91 -22.83 -2.30
C LEU A 126 -5.82 -21.37 -1.89
N ILE A 127 -6.41 -21.06 -0.74
CA ILE A 127 -6.46 -19.70 -0.20
C ILE A 127 -5.58 -19.66 1.05
N PRO A 128 -4.46 -18.93 1.04
CA PRO A 128 -3.64 -18.83 2.25
C PRO A 128 -4.36 -18.12 3.39
N MET A 129 -3.96 -18.49 4.62
CA MET A 129 -4.39 -17.85 5.86
C MET A 129 -5.87 -18.06 6.16
N GLU A 130 -6.51 -19.01 5.51
CA GLU A 130 -7.90 -19.35 5.82
C GLU A 130 -7.90 -20.48 6.85
N GLY A 131 -8.56 -20.25 7.96
CA GLY A 131 -8.62 -21.24 9.02
C GLY A 131 -8.62 -20.56 10.38
N ASP A 132 -8.75 -21.39 11.41
CA ASP A 132 -8.78 -20.94 12.80
C ASP A 132 -7.49 -21.38 13.48
N GLU A 133 -6.42 -20.63 13.23
CA GLU A 133 -5.12 -20.91 13.83
C GLU A 133 -4.54 -19.62 14.38
N GLU A 134 -4.05 -19.67 15.62
CA GLU A 134 -3.29 -18.56 16.19
C GLU A 134 -1.83 -18.72 15.80
N LEU A 135 -1.23 -17.65 15.29
CA LEU A 135 0.15 -17.67 14.85
C LEU A 135 1.04 -17.12 15.95
N THR A 136 2.12 -17.83 16.24
CA THR A 136 3.11 -17.33 17.19
C THR A 136 4.07 -16.40 16.48
N MET A 137 4.37 -15.27 17.12
CA MET A 137 5.17 -14.24 16.50
C MET A 137 6.35 -13.89 17.39
N LEU A 138 7.46 -13.54 16.74
CA LEU A 138 8.64 -13.06 17.43
C LEU A 138 9.23 -11.91 16.61
N ALA A 139 9.46 -10.78 17.26
CA ALA A 139 10.07 -9.63 16.62
C ALA A 139 11.53 -9.52 17.02
N PHE A 140 12.34 -8.96 16.14
CA PHE A 140 13.73 -8.73 16.48
C PHE A 140 14.24 -7.50 15.73
N ALA A 141 15.31 -6.94 16.27
CA ALA A 141 16.02 -5.83 15.65
C ALA A 141 17.49 -5.97 16.03
N ILE A 142 18.34 -5.23 15.31
CA ILE A 142 19.77 -5.25 15.57
C ILE A 142 20.27 -3.82 15.72
N ALA A 143 21.38 -3.69 16.44
CA ALA A 143 22.07 -2.42 16.61
C ALA A 143 23.52 -2.62 16.16
N THR A 144 23.96 -1.82 15.18
CA THR A 144 25.25 -2.00 14.54
C THR A 144 26.08 -0.72 14.65
N LEU A 145 27.29 -0.78 14.08
CA LEU A 145 28.19 0.35 13.94
C LEU A 145 28.41 0.69 12.47
N TYR A 146 27.43 0.38 11.64
CA TYR A 146 27.55 0.53 10.20
C TYR A 146 27.48 1.99 9.80
N HIS A 147 28.26 2.36 8.79
CA HIS A 147 28.39 3.73 8.31
C HIS A 147 27.79 3.83 6.91
N GLU A 148 27.26 5.01 6.58
CA GLU A 148 26.62 5.21 5.29
C GLU A 148 27.65 5.06 4.17
N GLY A 149 27.39 4.13 3.25
CA GLY A 149 28.32 3.81 2.19
C GLY A 149 29.42 2.85 2.58
N GLU A 150 29.47 2.42 3.84
CA GLU A 150 30.50 1.51 4.35
C GLU A 150 30.12 0.08 3.96
N GLU A 151 30.12 -0.16 2.65
CA GLU A 151 29.82 -1.47 2.05
C GLU A 151 28.51 -1.97 2.65
N PHE A 152 28.44 -3.22 3.14
CA PHE A 152 27.25 -3.72 3.82
C PHE A 152 27.59 -5.01 4.57
N GLY A 153 27.56 -4.96 5.89
CA GLY A 153 28.01 -6.06 6.71
C GLY A 153 29.47 -5.98 7.11
N THR A 154 30.15 -4.87 6.82
CA THR A 154 31.55 -4.74 7.21
C THR A 154 31.68 -4.34 8.68
N GLY A 155 30.77 -3.51 9.18
CA GLY A 155 30.78 -3.11 10.56
C GLY A 155 30.12 -4.16 11.44
N PRO A 156 30.62 -4.31 12.67
CA PRO A 156 30.09 -5.36 13.55
C PRO A 156 28.76 -4.98 14.17
N ILE A 157 27.88 -5.97 14.28
CA ILE A 157 26.63 -5.79 15.02
C ILE A 157 26.93 -5.78 16.51
N LEU A 158 26.41 -4.78 17.22
CA LEU A 158 26.64 -4.65 18.65
C LEU A 158 25.57 -5.34 19.49
N MET A 159 24.33 -5.35 19.02
CA MET A 159 23.21 -5.77 19.85
C MET A 159 22.15 -6.43 18.99
N ILE A 160 21.52 -7.47 19.51
CA ILE A 160 20.40 -8.13 18.86
C ILE A 160 19.30 -8.29 19.92
N SER A 161 18.22 -7.53 19.77
CA SER A 161 17.09 -7.63 20.68
C SER A 161 15.95 -8.37 20.03
N TYR A 162 15.12 -9.00 20.86
CA TYR A 162 13.96 -9.73 20.39
C TYR A 162 12.82 -9.56 21.40
N ALA A 163 11.60 -9.77 20.93
CA ALA A 163 10.44 -9.58 21.78
C ALA A 163 9.26 -10.38 21.23
N ASP A 164 8.58 -11.09 22.12
CA ASP A 164 7.28 -11.68 21.80
C ASP A 164 6.32 -11.29 22.92
N GLY A 165 5.20 -12.01 23.00
CA GLY A 165 4.19 -11.78 24.02
C GLY A 165 4.63 -12.12 25.43
N SER A 166 5.80 -12.74 25.60
CA SER A 166 6.24 -13.20 26.92
C SER A 166 7.43 -12.44 27.49
N GLU A 167 8.20 -11.75 26.67
CA GLU A 167 9.44 -11.14 27.15
C GLU A 167 9.99 -10.22 26.06
N ALA A 168 11.04 -9.48 26.43
CA ALA A 168 11.79 -8.64 25.51
C ALA A 168 13.21 -8.54 26.05
N ARG A 169 14.18 -9.08 25.32
CA ARG A 169 15.55 -9.17 25.81
C ARG A 169 16.52 -8.58 24.79
N VAL A 170 17.74 -8.31 25.27
CA VAL A 170 18.82 -7.80 24.44
C VAL A 170 20.03 -8.71 24.59
N ILE A 171 20.60 -9.15 23.47
CA ILE A 171 21.82 -9.94 23.47
C ILE A 171 22.96 -9.07 22.95
N THR A 172 24.08 -9.09 23.67
CA THR A 172 25.22 -8.25 23.32
C THR A 172 26.48 -8.85 23.90
N TRP A 173 27.62 -8.46 23.33
CA TRP A 173 28.93 -8.84 23.84
C TRP A 173 29.59 -7.72 24.63
N LYS A 174 28.80 -6.75 25.07
CA LYS A 174 29.30 -5.65 25.89
C LYS A 174 28.69 -5.74 27.29
N LYS A 175 29.48 -5.45 28.30
CA LYS A 175 29.05 -5.61 29.68
C LYS A 175 28.00 -4.57 30.02
N ILE A 176 26.75 -5.01 30.14
CA ILE A 176 25.63 -4.16 30.53
C ILE A 176 24.84 -4.90 31.60
N ASP A 177 24.60 -4.24 32.73
CA ASP A 177 24.04 -4.90 33.91
C ASP A 177 22.52 -4.87 33.97
N LEU A 178 21.86 -4.47 32.89
CA LEU A 178 20.41 -4.44 32.89
C LEU A 178 19.85 -5.86 33.01
N PRO A 179 18.68 -6.02 33.64
CA PRO A 179 18.13 -7.37 33.85
C PRO A 179 17.57 -8.00 32.60
N TYR A 180 17.42 -7.26 31.51
CA TYR A 180 16.97 -7.83 30.25
C TYR A 180 18.09 -7.96 29.23
N VAL A 181 19.34 -7.78 29.66
CA VAL A 181 20.48 -7.81 28.75
C VAL A 181 21.30 -9.07 29.07
N ASP A 182 21.45 -9.94 28.07
CA ASP A 182 22.25 -11.15 28.20
C ASP A 182 23.59 -10.91 27.54
N VAL A 183 24.64 -10.81 28.36
CA VAL A 183 25.98 -10.51 27.87
C VAL A 183 26.65 -11.82 27.45
N VAL A 184 27.08 -11.89 26.20
CA VAL A 184 27.84 -13.04 25.72
C VAL A 184 29.29 -12.63 25.55
N SER A 185 30.12 -13.56 25.11
CA SER A 185 31.55 -13.29 24.98
C SER A 185 31.86 -12.56 23.67
N THR A 186 31.48 -13.15 22.53
CA THR A 186 31.83 -12.62 21.23
C THR A 186 30.59 -12.24 20.44
N GLU A 187 30.79 -11.35 19.46
CA GLU A 187 29.74 -11.04 18.51
C GLU A 187 29.22 -12.32 17.86
N LYS A 188 30.13 -13.23 17.53
CA LYS A 188 29.71 -14.51 16.96
C LYS A 188 28.76 -15.25 17.90
N GLU A 189 29.06 -15.28 19.20
CA GLU A 189 28.20 -15.96 20.15
C GLU A 189 26.89 -15.21 20.34
N MET A 190 26.89 -13.89 20.15
CA MET A 190 25.64 -13.15 20.18
C MET A 190 24.73 -13.58 19.04
N ILE A 191 25.30 -13.71 17.84
CA ILE A 191 24.51 -14.15 16.68
C ILE A 191 24.04 -15.58 16.89
N LYS A 192 24.94 -16.47 17.34
CA LYS A 192 24.57 -17.86 17.51
C LYS A 192 23.51 -18.03 18.57
N ARG A 193 23.62 -17.29 19.68
CA ARG A 193 22.61 -17.36 20.73
C ARG A 193 21.25 -16.90 20.21
N PHE A 194 21.25 -15.88 19.36
CA PHE A 194 20.01 -15.42 18.73
C PHE A 194 19.39 -16.53 17.89
N LEU A 195 20.21 -17.28 17.16
CA LEU A 195 19.69 -18.37 16.33
C LEU A 195 19.02 -19.43 17.19
N ARG A 196 19.64 -19.79 18.32
CA ARG A 196 19.02 -20.76 19.22
C ARG A 196 17.71 -20.23 19.77
N VAL A 197 17.66 -18.94 20.11
CA VAL A 197 16.42 -18.37 20.67
C VAL A 197 15.29 -18.51 19.66
N VAL A 198 15.54 -18.13 18.40
CA VAL A 198 14.53 -18.30 17.36
C VAL A 198 14.16 -19.77 17.21
N ARG A 199 15.17 -20.64 17.22
CA ARG A 199 14.91 -22.08 17.12
C ARG A 199 14.08 -22.58 18.30
N GLU A 200 14.44 -22.15 19.52
CA GLU A 200 13.70 -22.59 20.70
C GLU A 200 12.27 -22.07 20.68
N LYS A 201 12.07 -20.81 20.29
CA LYS A 201 10.72 -20.26 20.29
C LYS A 201 9.90 -20.78 19.12
N ASP A 202 10.56 -21.12 18.01
CA ASP A 202 9.92 -21.62 16.81
C ASP A 202 8.68 -20.80 16.41
N PRO A 203 8.85 -19.51 16.12
CA PRO A 203 7.69 -18.68 15.76
C PRO A 203 7.25 -18.90 14.33
N ASP A 204 5.94 -18.76 14.12
CA ASP A 204 5.41 -18.82 12.76
C ASP A 204 5.72 -17.54 11.98
N VAL A 205 5.86 -16.41 12.67
CA VAL A 205 6.09 -15.12 12.03
C VAL A 205 7.30 -14.45 12.68
N LEU A 206 8.25 -14.03 11.85
CA LEU A 206 9.35 -13.18 12.30
C LEU A 206 9.06 -11.76 11.87
N ILE A 207 8.91 -10.87 12.83
CA ILE A 207 8.53 -9.48 12.58
C ILE A 207 9.76 -8.60 12.62
N THR A 208 9.94 -7.79 11.58
CA THR A 208 10.97 -6.76 11.56
C THR A 208 10.35 -5.45 11.13
N TYR A 209 11.12 -4.38 11.32
CA TYR A 209 10.83 -3.08 10.73
C TYR A 209 12.00 -2.72 9.83
N ASN A 210 11.76 -2.72 8.51
CA ASN A 210 12.81 -2.53 7.50
C ASN A 210 13.85 -3.64 7.54
N GLY A 211 13.43 -4.85 7.92
CA GLY A 211 14.33 -5.98 7.92
C GLY A 211 14.69 -6.48 6.53
N ASP A 212 13.84 -6.21 5.53
CA ASP A 212 14.16 -6.63 4.17
C ASP A 212 15.41 -5.94 3.65
N ASN A 213 15.62 -4.68 4.01
CA ASN A 213 16.71 -3.91 3.47
C ASN A 213 17.80 -3.60 4.47
N PHE A 214 17.71 -4.13 5.69
CA PHE A 214 18.78 -3.89 6.66
C PHE A 214 18.95 -5.06 7.61
N ASP A 215 18.06 -5.19 8.60
CA ASP A 215 18.31 -6.08 9.73
C ASP A 215 18.59 -7.51 9.29
N PHE A 216 17.72 -8.07 8.45
CA PHE A 216 17.94 -9.43 7.97
C PHE A 216 19.16 -9.49 7.05
N ALA A 217 19.23 -8.58 6.08
CA ALA A 217 20.34 -8.58 5.13
C ALA A 217 21.67 -8.41 5.85
N TYR A 218 21.76 -7.45 6.76
CA TYR A 218 22.98 -7.26 7.53
C TYR A 218 23.34 -8.51 8.32
N LEU A 219 22.34 -9.16 8.92
CA LEU A 219 22.58 -10.40 9.65
C LEU A 219 23.18 -11.47 8.74
N LYS A 220 22.66 -11.59 7.52
CA LYS A 220 23.20 -12.57 6.58
C LYS A 220 24.62 -12.21 6.16
N LYS A 221 24.89 -10.92 5.98
CA LYS A 221 26.23 -10.49 5.60
C LYS A 221 27.23 -10.70 6.72
N ARG A 222 26.84 -10.39 7.96
CA ARG A 222 27.74 -10.60 9.10
C ARG A 222 28.01 -12.08 9.31
N CYS A 223 26.97 -12.92 9.15
CA CYS A 223 27.18 -14.36 9.23
C CYS A 223 28.07 -14.85 8.10
N GLU A 224 28.08 -14.16 6.97
CA GLU A 224 28.94 -14.55 5.85
C GLU A 224 30.40 -14.33 6.19
N GLU A 225 30.75 -13.12 6.61
CA GLU A 225 32.15 -12.82 6.93
C GLU A 225 32.62 -13.60 8.16
N LEU A 226 31.74 -13.77 9.15
CA LEU A 226 32.12 -14.46 10.37
C LEU A 226 32.02 -15.98 10.24
N GLY A 227 31.62 -16.49 9.08
CA GLY A 227 31.52 -17.92 8.89
C GLY A 227 30.51 -18.59 9.80
N ILE A 228 29.31 -18.03 9.87
CA ILE A 228 28.24 -18.59 10.69
C ILE A 228 27.12 -19.04 9.77
N LYS A 229 26.62 -20.25 10.00
CA LYS A 229 25.47 -20.75 9.26
C LYS A 229 24.22 -20.07 9.81
N PHE A 230 23.60 -19.22 8.98
CA PHE A 230 22.44 -18.43 9.37
C PHE A 230 21.17 -19.29 9.23
N THR A 231 21.08 -20.32 10.06
CA THR A 231 19.97 -21.27 10.00
C THR A 231 18.78 -20.68 10.73
N LEU A 232 17.74 -20.31 9.98
CA LEU A 232 16.53 -19.77 10.58
C LEU A 232 15.28 -20.49 10.08
N GLY A 233 15.34 -21.02 8.85
CA GLY A 233 14.19 -21.70 8.30
C GLY A 233 13.85 -22.97 9.05
N ARG A 234 12.57 -23.33 9.01
CA ARG A 234 12.13 -24.57 9.64
C ARG A 234 12.61 -25.82 8.92
N ASP A 235 13.29 -25.66 7.77
CA ASP A 235 13.89 -26.78 7.07
C ASP A 235 15.41 -26.78 7.20
N GLY A 236 15.94 -26.11 8.23
CA GLY A 236 17.37 -26.05 8.41
C GLY A 236 18.09 -25.12 7.46
N SER A 237 17.36 -24.21 6.83
CA SER A 237 17.89 -23.36 5.77
C SER A 237 18.07 -21.94 6.25
N GLU A 238 18.89 -21.20 5.47
CA GLU A 238 19.19 -19.79 5.65
C GLU A 238 18.15 -18.92 4.98
N PRO A 239 17.86 -17.75 5.53
CA PRO A 239 16.95 -16.83 4.85
C PRO A 239 17.50 -16.42 3.50
N LYS A 240 16.61 -16.30 2.51
CA LYS A 240 17.00 -15.98 1.15
C LYS A 240 16.70 -14.51 0.87
N ILE A 241 17.65 -13.85 0.20
CA ILE A 241 17.51 -12.45 -0.16
C ILE A 241 17.18 -12.38 -1.65
N GLN A 242 16.07 -11.72 -1.97
CA GLN A 242 15.63 -11.51 -3.35
C GLN A 242 15.61 -10.03 -3.66
N ARG A 243 15.54 -9.71 -4.96
CA ARG A 243 15.55 -8.34 -5.44
C ARG A 243 14.17 -7.98 -5.99
N MET A 244 13.69 -6.79 -5.64
CA MET A 244 12.42 -6.26 -6.13
C MET A 244 12.62 -4.93 -6.83
N GLY A 245 13.73 -4.79 -7.54
CA GLY A 245 14.04 -3.55 -8.26
C GLY A 245 14.83 -2.58 -7.37
N ASP A 246 14.17 -1.52 -6.91
CA ASP A 246 14.80 -0.62 -5.96
C ASP A 246 14.93 -1.22 -4.57
N ARG A 247 14.36 -2.41 -4.32
CA ARG A 247 14.16 -2.98 -3.00
C ARG A 247 14.66 -4.41 -2.95
N PHE A 248 15.03 -4.86 -1.75
CA PHE A 248 15.33 -6.26 -1.51
C PHE A 248 14.28 -6.86 -0.56
N ALA A 249 14.17 -8.18 -0.59
CA ALA A 249 13.21 -8.89 0.25
C ALA A 249 13.84 -10.15 0.81
N VAL A 250 13.63 -10.38 2.11
CA VAL A 250 14.19 -11.53 2.81
C VAL A 250 13.05 -12.50 3.14
N GLU A 251 13.22 -13.75 2.76
CA GLU A 251 12.23 -14.79 2.99
C GLU A 251 12.85 -15.87 3.86
N VAL A 252 12.07 -16.34 4.84
CA VAL A 252 12.53 -17.37 5.78
C VAL A 252 11.62 -18.58 5.61
N LYS A 253 12.14 -19.62 4.97
CA LYS A 253 11.34 -20.79 4.63
C LYS A 253 10.71 -21.42 5.88
N GLY A 254 9.44 -21.83 5.74
CA GLY A 254 8.72 -22.42 6.85
C GLY A 254 8.08 -21.43 7.79
N ARG A 255 8.47 -20.15 7.72
CA ARG A 255 7.90 -19.09 8.53
C ARG A 255 7.51 -17.94 7.60
N ILE A 256 6.93 -16.89 8.17
CA ILE A 256 6.59 -15.70 7.41
C ILE A 256 7.40 -14.55 7.98
N HIS A 257 8.32 -14.02 7.18
CA HIS A 257 9.01 -12.80 7.57
C HIS A 257 8.08 -11.63 7.28
N PHE A 258 7.53 -11.05 8.35
CA PHE A 258 6.60 -9.94 8.26
C PHE A 258 7.39 -8.65 8.49
N ASP A 259 7.80 -8.02 7.40
CA ASP A 259 8.42 -6.70 7.46
C ASP A 259 7.32 -5.66 7.54
N LEU A 260 7.25 -4.96 8.68
CA LEU A 260 6.21 -3.96 8.89
C LEU A 260 6.37 -2.73 8.00
N TYR A 261 7.58 -2.48 7.49
CA TYR A 261 7.81 -1.22 6.77
C TYR A 261 7.01 -1.11 5.48
N PRO A 262 7.03 -2.09 4.56
CA PRO A 262 6.19 -1.95 3.36
C PRO A 262 4.70 -1.93 3.66
N VAL A 263 4.28 -2.50 4.79
CA VAL A 263 2.86 -2.47 5.14
C VAL A 263 2.44 -1.08 5.60
N ILE A 264 3.27 -0.44 6.44
CA ILE A 264 2.90 0.88 6.98
C ILE A 264 2.88 1.92 5.86
N ARG A 265 3.82 1.82 4.92
CA ARG A 265 3.86 2.77 3.81
C ARG A 265 2.56 2.74 3.01
N ARG A 266 1.99 1.55 2.83
CA ARG A 266 0.83 1.38 1.98
C ARG A 266 -0.50 1.44 2.72
N THR A 267 -0.49 1.33 4.05
CA THR A 267 -1.72 1.40 4.83
C THR A 267 -1.94 2.74 5.48
N ILE A 268 -0.90 3.39 5.99
CA ILE A 268 -1.02 4.62 6.76
C ILE A 268 -0.26 5.73 6.04
N ASN A 269 -0.87 6.92 5.99
CA ASN A 269 -0.20 8.11 5.49
C ASN A 269 0.44 8.85 6.66
N LEU A 270 1.76 9.00 6.61
CA LEU A 270 2.54 9.61 7.68
C LEU A 270 3.54 10.59 7.10
N PRO A 271 3.93 11.60 7.87
CA PRO A 271 4.97 12.52 7.38
C PRO A 271 6.30 11.81 7.11
N THR A 272 6.72 10.96 8.04
CA THR A 272 7.88 10.09 7.84
C THR A 272 7.53 8.73 8.43
N TYR A 273 8.39 7.75 8.15
CA TYR A 273 8.09 6.35 8.48
C TYR A 273 9.20 5.73 9.32
N THR A 274 9.78 6.51 10.23
CA THR A 274 10.63 5.93 11.25
C THR A 274 9.78 5.13 12.23
N LEU A 275 10.42 4.19 12.92
CA LEU A 275 9.69 3.37 13.89
C LEU A 275 9.04 4.22 14.97
N GLU A 276 9.61 5.37 15.27
CA GLU A 276 9.09 6.23 16.32
C GLU A 276 7.87 7.01 15.85
N ALA A 277 7.90 7.53 14.61
CA ALA A 277 6.72 8.16 14.04
C ALA A 277 5.57 7.17 13.98
N VAL A 278 5.84 5.97 13.47
CA VAL A 278 4.83 4.92 13.44
C VAL A 278 4.29 4.67 14.84
N TYR A 279 5.19 4.46 15.81
CA TYR A 279 4.74 4.22 17.18
C TYR A 279 3.85 5.35 17.69
N GLU A 280 4.28 6.60 17.48
CA GLU A 280 3.48 7.73 17.94
C GLU A 280 2.17 7.87 17.17
N ALA A 281 2.05 7.24 16.02
CA ALA A 281 0.84 7.31 15.21
C ALA A 281 -0.21 6.30 15.65
N ILE A 282 0.18 5.02 15.72
CA ILE A 282 -0.79 3.98 16.08
C ILE A 282 -1.02 3.96 17.59
N PHE A 283 0.04 4.04 18.38
CA PHE A 283 -0.08 4.11 19.83
C PHE A 283 0.13 5.54 20.31
N GLY A 284 -0.37 5.84 21.50
CA GLY A 284 -0.41 7.20 21.98
C GLY A 284 0.94 7.83 22.26
N GLN A 285 1.72 7.19 23.14
CA GLN A 285 2.94 7.78 23.67
C GLN A 285 4.07 7.69 22.66
N PRO A 286 5.13 8.49 22.81
CA PRO A 286 6.23 8.47 21.84
C PRO A 286 7.31 7.46 22.16
N LYS A 287 8.47 7.61 21.51
CA LYS A 287 9.63 6.77 21.75
C LYS A 287 10.87 7.65 21.79
N GLU A 288 11.84 7.25 22.60
CA GLU A 288 13.04 8.05 22.85
C GLU A 288 14.12 7.66 21.85
N LYS A 289 14.16 8.38 20.73
CA LYS A 289 15.08 8.10 19.64
C LYS A 289 16.53 8.07 20.14
N VAL A 290 17.30 7.12 19.60
CA VAL A 290 18.73 7.02 19.86
C VAL A 290 19.44 7.02 18.52
N TYR A 291 20.24 8.05 18.27
CA TYR A 291 20.82 8.28 16.96
C TYR A 291 22.16 7.57 16.82
N ALA A 292 22.53 7.28 15.56
CA ALA A 292 23.76 6.56 15.27
C ALA A 292 25.00 7.35 15.67
N GLU A 293 24.88 8.66 15.85
CA GLU A 293 26.02 9.43 16.37
C GLU A 293 26.27 9.11 17.84
N GLU A 294 25.23 8.78 18.60
CA GLU A 294 25.39 8.43 20.00
C GLU A 294 25.82 6.98 20.18
N ILE A 295 25.41 6.09 19.27
CA ILE A 295 25.76 4.68 19.38
C ILE A 295 27.26 4.47 19.19
N ALA A 296 27.91 5.32 18.39
CA ALA A 296 29.35 5.23 18.22
C ALA A 296 30.08 5.75 19.46
N GLN A 297 29.66 6.92 19.95
CA GLN A 297 30.27 7.47 21.16
C GLN A 297 29.91 6.67 22.40
N ALA A 298 28.88 5.82 22.34
CA ALA A 298 28.57 4.94 23.45
C ALA A 298 29.47 3.71 23.46
N TRP A 299 29.88 3.26 22.29
CA TRP A 299 30.84 2.14 22.26
C TRP A 299 32.20 2.71 22.67
N GLU A 300 32.65 3.77 21.99
CA GLU A 300 33.97 4.38 22.27
C GLU A 300 34.13 4.61 23.77
N THR A 301 33.34 5.50 24.34
CA THR A 301 33.48 5.81 25.75
C THR A 301 33.07 4.64 26.64
N GLY A 302 32.21 3.74 26.16
CA GLY A 302 31.65 2.69 26.98
C GLY A 302 30.53 3.13 27.89
N GLU A 303 30.33 4.43 28.05
CA GLU A 303 29.29 4.97 28.91
C GLU A 303 28.01 5.21 28.12
N GLY A 304 26.89 5.21 28.83
CA GLY A 304 25.60 5.36 28.20
C GLY A 304 25.13 4.16 27.42
N LEU A 305 25.90 3.06 27.42
CA LEU A 305 25.49 1.86 26.70
C LEU A 305 24.23 1.24 27.26
N GLU A 306 23.86 1.61 28.50
CA GLU A 306 22.57 1.19 29.04
C GLU A 306 21.42 1.80 28.24
N ARG A 307 21.56 3.05 27.83
CA ARG A 307 20.51 3.71 27.05
C ARG A 307 20.26 2.99 25.73
N VAL A 308 21.34 2.76 24.97
CA VAL A 308 21.19 2.09 23.67
C VAL A 308 20.66 0.68 23.87
N ALA A 309 21.03 0.02 24.96
CA ALA A 309 20.47 -1.29 25.26
C ALA A 309 18.97 -1.20 25.54
N ARG A 310 18.52 -0.09 26.13
CA ARG A 310 17.09 0.10 26.34
C ARG A 310 16.38 0.41 25.03
N TYR A 311 16.99 1.26 24.19
CA TYR A 311 16.40 1.58 22.90
C TYR A 311 16.30 0.36 22.00
N SER A 312 17.32 -0.52 22.06
CA SER A 312 17.26 -1.75 21.30
C SER A 312 16.14 -2.66 21.80
N MET A 313 15.90 -2.66 23.11
CA MET A 313 14.81 -3.44 23.67
C MET A 313 13.45 -2.81 23.34
N GLU A 314 13.38 -1.48 23.32
CA GLU A 314 12.12 -0.81 23.01
C GLU A 314 11.75 -0.99 21.54
N ASP A 315 12.73 -0.97 20.65
CA ASP A 315 12.46 -1.20 19.23
C ASP A 315 11.84 -2.56 19.01
N ALA A 316 12.40 -3.59 19.65
CA ALA A 316 11.89 -4.95 19.44
C ALA A 316 10.48 -5.10 19.99
N LYS A 317 10.24 -4.55 21.19
CA LYS A 317 8.93 -4.64 21.82
C LYS A 317 7.89 -3.85 21.03
N VAL A 318 8.26 -2.66 20.55
CA VAL A 318 7.35 -1.86 19.75
C VAL A 318 7.07 -2.55 18.41
N THR A 319 8.11 -3.14 17.82
CA THR A 319 7.93 -3.86 16.56
C THR A 319 6.99 -5.05 16.72
N TYR A 320 7.11 -5.78 17.83
CA TYR A 320 6.21 -6.90 18.07
C TYR A 320 4.77 -6.43 18.21
N GLU A 321 4.54 -5.39 19.02
CA GLU A 321 3.18 -4.92 19.26
C GLU A 321 2.54 -4.39 17.99
N LEU A 322 3.28 -3.59 17.23
CA LEU A 322 2.76 -3.12 15.94
C LEU A 322 2.49 -4.31 15.01
N GLY A 323 3.31 -5.36 15.11
CA GLY A 323 3.08 -6.53 14.28
C GLY A 323 1.81 -7.25 14.65
N LYS A 324 1.54 -7.38 15.95
CA LYS A 324 0.32 -8.04 16.40
C LYS A 324 -0.94 -7.28 16.00
N GLU A 325 -0.83 -5.98 15.73
CA GLU A 325 -1.98 -5.20 15.30
C GLU A 325 -2.19 -5.23 13.79
N PHE A 326 -1.11 -5.27 13.01
CA PHE A 326 -1.19 -5.21 11.57
C PHE A 326 -1.23 -6.57 10.90
N LEU A 327 -0.81 -7.64 11.59
CA LEU A 327 -0.84 -8.95 10.98
C LEU A 327 -2.26 -9.44 10.73
N PRO A 328 -3.21 -9.28 11.66
CA PRO A 328 -4.59 -9.69 11.35
C PRO A 328 -5.16 -9.00 10.11
N MET A 329 -4.92 -7.70 9.95
CA MET A 329 -5.40 -7.00 8.75
C MET A 329 -4.75 -7.55 7.49
N GLU A 330 -3.44 -7.79 7.52
CA GLU A 330 -2.77 -8.31 6.33
C GLU A 330 -3.13 -9.77 6.07
N ALA A 331 -3.44 -10.53 7.12
CA ALA A 331 -3.94 -11.89 6.92
C ALA A 331 -5.25 -11.87 6.13
N GLN A 332 -6.17 -10.96 6.50
CA GLN A 332 -7.43 -10.85 5.78
C GLN A 332 -7.21 -10.47 4.31
N LEU A 333 -6.24 -9.59 4.05
CA LEU A 333 -5.93 -9.21 2.68
C LEU A 333 -5.40 -10.40 1.89
N SER A 334 -4.57 -11.23 2.50
CA SER A 334 -4.05 -12.41 1.80
C SER A 334 -5.17 -13.38 1.45
N ARG A 335 -6.14 -13.57 2.36
CA ARG A 335 -7.31 -14.37 2.04
C ARG A 335 -8.06 -13.80 0.84
N LEU A 336 -8.26 -12.47 0.82
CA LEU A 336 -9.00 -11.85 -0.26
C LEU A 336 -8.27 -11.98 -1.59
N ILE A 337 -6.97 -11.69 -1.59
CA ILE A 337 -6.20 -11.79 -2.82
C ILE A 337 -5.92 -13.23 -3.17
N GLY A 338 -5.75 -14.10 -2.17
CA GLY A 338 -5.47 -15.48 -2.44
C GLY A 338 -4.00 -15.77 -2.70
N GLN A 339 -3.11 -14.97 -2.12
CA GLN A 339 -1.67 -15.19 -2.18
C GLN A 339 -1.10 -15.10 -0.78
N SER A 340 0.17 -15.46 -0.65
CA SER A 340 0.79 -15.58 0.67
C SER A 340 0.88 -14.23 1.37
N LEU A 341 0.81 -14.28 2.70
CA LEU A 341 1.01 -13.09 3.51
C LEU A 341 2.36 -12.43 3.21
N TRP A 342 3.38 -13.24 2.91
CA TRP A 342 4.69 -12.69 2.57
C TRP A 342 4.62 -11.81 1.33
N ASP A 343 3.96 -12.30 0.28
CA ASP A 343 3.90 -11.54 -0.97
C ASP A 343 2.88 -10.40 -0.90
N VAL A 344 1.75 -10.64 -0.23
CA VAL A 344 0.71 -9.64 -0.14
C VAL A 344 1.22 -8.40 0.57
N SER A 345 1.99 -8.58 1.65
CA SER A 345 2.42 -7.46 2.48
C SER A 345 3.46 -6.58 1.78
N ARG A 346 4.08 -7.07 0.70
CA ARG A 346 5.14 -6.33 0.02
C ARG A 346 4.76 -5.86 -1.38
N SER A 347 3.50 -5.99 -1.78
CA SER A 347 3.13 -5.67 -3.15
C SER A 347 2.18 -4.48 -3.20
N SER A 348 2.18 -3.81 -4.35
CA SER A 348 1.35 -2.66 -4.59
C SER A 348 -0.10 -3.07 -4.85
N THR A 349 -0.98 -2.07 -4.91
CA THR A 349 -2.38 -2.33 -5.22
C THR A 349 -2.54 -2.98 -6.59
N GLY A 350 -1.80 -2.48 -7.59
CA GLY A 350 -1.90 -3.06 -8.92
C GLY A 350 -1.52 -4.53 -8.95
N ASN A 351 -0.50 -4.91 -8.19
CA ASN A 351 -0.10 -6.31 -8.15
C ASN A 351 -1.12 -7.15 -7.40
N LEU A 352 -1.73 -6.60 -6.35
CA LEU A 352 -2.76 -7.35 -5.64
C LEU A 352 -3.98 -7.58 -6.53
N VAL A 353 -4.34 -6.59 -7.34
CA VAL A 353 -5.48 -6.76 -8.26
C VAL A 353 -5.14 -7.78 -9.35
N GLU A 354 -3.88 -7.79 -9.81
CA GLU A 354 -3.49 -8.75 -10.84
C GLU A 354 -3.61 -10.18 -10.33
N TRP A 355 -3.16 -10.43 -9.10
CA TRP A 355 -3.25 -11.79 -8.55
C TRP A 355 -4.69 -12.20 -8.33
N PHE A 356 -5.53 -11.26 -7.91
CA PHE A 356 -6.95 -11.54 -7.69
C PHE A 356 -7.63 -11.82 -9.02
N LEU A 357 -7.37 -10.98 -10.03
CA LEU A 357 -7.96 -11.19 -11.34
C LEU A 357 -7.52 -12.50 -11.96
N LEU A 358 -6.23 -12.81 -11.84
CA LEU A 358 -5.69 -14.05 -12.41
C LEU A 358 -6.37 -15.28 -11.80
N ARG A 359 -6.57 -15.27 -10.48
CA ARG A 359 -7.32 -16.35 -9.85
C ARG A 359 -8.73 -16.43 -10.42
N LYS A 360 -9.46 -15.31 -10.36
CA LYS A 360 -10.83 -15.28 -10.89
C LYS A 360 -10.88 -15.66 -12.36
N ALA A 361 -9.87 -15.27 -13.13
CA ALA A 361 -9.81 -15.69 -14.53
C ALA A 361 -9.73 -17.21 -14.63
N TYR A 362 -8.88 -17.84 -13.82
CA TYR A 362 -8.79 -19.30 -13.83
C TYR A 362 -10.14 -19.92 -13.52
N GLU A 363 -10.86 -19.39 -12.52
CA GLU A 363 -12.14 -19.98 -12.15
C GLU A 363 -13.17 -19.90 -13.26
N ARG A 364 -13.04 -18.91 -14.15
CA ARG A 364 -14.03 -18.69 -15.20
C ARG A 364 -13.52 -19.09 -16.58
N ASN A 365 -12.41 -19.82 -16.65
CA ASN A 365 -11.81 -20.23 -17.91
C ASN A 365 -11.57 -19.03 -18.82
N GLU A 366 -11.23 -17.90 -18.21
CA GLU A 366 -10.92 -16.68 -18.93
C GLU A 366 -9.40 -16.63 -19.13
N LEU A 367 -8.97 -16.78 -20.38
CA LEU A 367 -7.54 -16.68 -20.67
C LEU A 367 -7.07 -15.26 -20.34
N ALA A 368 -5.92 -15.18 -19.68
CA ALA A 368 -5.56 -13.84 -19.30
C ALA A 368 -4.76 -13.16 -20.41
N PRO A 369 -5.05 -11.89 -20.69
CA PRO A 369 -4.23 -11.15 -21.64
C PRO A 369 -2.83 -10.92 -21.07
N ASN A 370 -1.88 -10.71 -21.97
CA ASN A 370 -0.52 -10.45 -21.58
C ASN A 370 -0.35 -9.01 -21.11
N LYS A 371 0.63 -8.80 -20.23
CA LYS A 371 1.03 -7.45 -19.91
C LYS A 371 1.60 -6.78 -21.17
N PRO A 372 1.51 -5.45 -21.26
CA PRO A 372 1.86 -4.79 -22.52
C PRO A 372 3.36 -4.86 -22.81
N ASP A 373 3.68 -4.88 -24.10
CA ASP A 373 5.07 -4.69 -24.52
C ASP A 373 5.47 -3.24 -24.33
N GLU A 374 6.70 -2.90 -24.74
CA GLU A 374 7.26 -1.59 -24.45
C GLU A 374 6.47 -0.48 -25.12
N ARG A 375 6.20 -0.62 -26.41
CA ARG A 375 5.49 0.43 -27.14
C ARG A 375 4.07 0.61 -26.60
N GLU A 376 3.37 -0.51 -26.33
CA GLU A 376 2.00 -0.41 -25.83
C GLU A 376 1.98 0.17 -24.43
N TYR A 377 2.89 -0.27 -23.56
CA TYR A 377 3.00 0.32 -22.23
C TYR A 377 3.17 1.84 -22.31
N GLU A 378 4.09 2.30 -23.16
CA GLU A 378 4.29 3.73 -23.33
C GLU A 378 3.04 4.41 -23.87
N ARG A 379 2.39 3.79 -24.87
CA ARG A 379 1.15 4.33 -25.39
C ARG A 379 0.11 4.50 -24.29
N ARG A 380 -0.04 3.50 -23.41
CA ARG A 380 -0.99 3.60 -22.32
C ARG A 380 -0.59 4.70 -21.33
N LEU A 381 0.71 4.85 -21.07
CA LEU A 381 1.17 5.93 -20.21
C LEU A 381 0.88 7.28 -20.83
N ARG A 382 1.03 7.40 -22.15
CA ARG A 382 0.75 8.67 -22.83
C ARG A 382 -0.75 8.94 -22.95
N GLU A 383 -1.60 8.00 -22.58
CA GLU A 383 -3.04 8.12 -22.74
C GLU A 383 -3.67 8.53 -21.43
N SER A 384 -4.67 9.41 -21.51
CA SER A 384 -5.45 9.77 -20.34
C SER A 384 -6.90 10.02 -20.76
N TYR A 385 -7.71 10.44 -19.80
CA TYR A 385 -9.13 10.64 -20.02
C TYR A 385 -9.64 11.57 -18.92
N ALA A 386 -10.88 12.02 -19.10
CA ALA A 386 -11.52 12.89 -18.11
C ALA A 386 -11.94 12.08 -16.89
N GLY A 387 -11.84 12.71 -15.72
CA GLY A 387 -12.21 12.04 -14.48
C GLY A 387 -13.42 12.63 -13.78
N GLY A 388 -13.30 12.80 -12.46
CA GLY A 388 -14.44 13.16 -11.67
C GLY A 388 -14.82 14.63 -11.78
N TYR A 389 -16.06 14.92 -11.41
CA TYR A 389 -16.58 16.28 -11.43
C TYR A 389 -16.28 16.94 -10.09
N VAL A 390 -15.61 18.08 -10.14
CA VAL A 390 -15.27 18.84 -8.94
C VAL A 390 -15.92 20.21 -9.06
N LYS A 391 -16.94 20.46 -8.23
CA LYS A 391 -17.62 21.74 -8.25
C LYS A 391 -16.80 22.78 -7.52
N GLU A 392 -16.65 23.95 -8.12
CA GLU A 392 -16.05 25.08 -7.44
C GLU A 392 -16.93 25.46 -6.26
N PRO A 393 -16.46 25.33 -5.03
CA PRO A 393 -17.35 25.45 -3.88
C PRO A 393 -17.81 26.89 -3.65
N GLU A 394 -18.97 27.01 -3.01
CA GLU A 394 -19.38 28.29 -2.46
C GLU A 394 -18.47 28.61 -1.29
N LYS A 395 -17.37 29.31 -1.57
CA LYS A 395 -16.32 29.51 -0.59
C LYS A 395 -16.81 30.39 0.56
N GLY A 396 -16.50 29.98 1.77
CA GLY A 396 -16.83 30.73 2.96
C GLY A 396 -17.36 29.82 4.04
N LEU A 397 -17.94 30.44 5.07
CA LEU A 397 -18.58 29.70 6.16
C LEU A 397 -20.04 29.50 5.82
N TRP A 398 -20.53 28.28 6.06
CA TRP A 398 -21.92 27.93 5.85
C TRP A 398 -22.41 27.16 7.07
N GLU A 399 -23.72 27.26 7.33
CA GLU A 399 -24.33 26.69 8.52
C GLU A 399 -25.36 25.64 8.12
N GLY A 400 -25.44 24.58 8.93
CA GLY A 400 -26.43 23.54 8.70
C GLY A 400 -26.22 22.80 7.40
N LEU A 401 -25.29 21.84 7.40
CA LEU A 401 -24.86 21.15 6.20
C LEU A 401 -25.23 19.68 6.27
N VAL A 402 -25.76 19.14 5.18
CA VAL A 402 -25.94 17.71 5.00
C VAL A 402 -24.97 17.23 3.93
N SER A 403 -24.44 16.03 4.10
CA SER A 403 -23.52 15.42 3.15
C SER A 403 -24.16 14.16 2.58
N LEU A 404 -24.24 14.09 1.25
CA LEU A 404 -24.78 12.93 0.56
C LEU A 404 -23.74 12.42 -0.42
N ASP A 405 -23.47 11.12 -0.32
CA ASP A 405 -22.45 10.50 -1.20
C ASP A 405 -23.01 9.21 -1.81
N PHE A 406 -22.48 8.81 -2.97
CA PHE A 406 -22.85 7.55 -3.59
C PHE A 406 -22.15 6.39 -2.90
N ARG A 407 -22.79 5.23 -2.92
CA ARG A 407 -22.19 4.01 -2.39
C ARG A 407 -21.42 3.32 -3.52
N SER A 408 -20.10 3.35 -3.44
CA SER A 408 -19.20 2.69 -4.38
C SER A 408 -19.58 3.03 -5.83
N LEU A 409 -19.42 4.31 -6.14
CA LEU A 409 -19.86 4.82 -7.45
C LEU A 409 -19.24 4.03 -8.60
N GLY A 410 -17.92 3.84 -8.55
CA GLY A 410 -17.21 3.11 -9.57
C GLY A 410 -17.73 1.70 -9.75
N PRO A 411 -17.66 0.88 -8.69
CA PRO A 411 -18.19 -0.49 -8.81
C PRO A 411 -19.67 -0.55 -9.16
N SER A 412 -20.48 0.39 -8.64
CA SER A 412 -21.89 0.42 -9.00
C SER A 412 -22.07 0.64 -10.49
N ILE A 413 -21.30 1.57 -11.07
CA ILE A 413 -21.42 1.86 -12.49
C ILE A 413 -20.99 0.67 -13.32
N ILE A 414 -19.87 0.03 -12.94
CA ILE A 414 -19.33 -1.08 -13.72
C ILE A 414 -20.30 -2.25 -13.76
N ILE A 415 -20.97 -2.52 -12.64
CA ILE A 415 -21.92 -3.64 -12.59
C ILE A 415 -23.22 -3.28 -13.27
N THR A 416 -23.76 -2.10 -12.96
CA THR A 416 -25.04 -1.68 -13.52
C THR A 416 -25.00 -1.67 -15.04
N HIS A 417 -23.92 -1.18 -15.63
CA HIS A 417 -23.84 -1.01 -17.08
C HIS A 417 -22.92 -2.01 -17.76
N ASN A 418 -22.39 -2.98 -17.01
CA ASN A 418 -21.61 -4.08 -17.61
C ASN A 418 -20.36 -3.56 -18.30
N VAL A 419 -19.68 -2.60 -17.67
CA VAL A 419 -18.52 -1.94 -18.27
C VAL A 419 -17.33 -2.87 -18.16
N SER A 420 -16.90 -3.42 -19.30
CA SER A 420 -15.91 -4.48 -19.35
C SER A 420 -15.30 -4.50 -20.74
N PRO A 421 -14.02 -4.85 -20.88
CA PRO A 421 -13.44 -4.95 -22.23
C PRO A 421 -14.04 -6.07 -23.05
N ASP A 422 -14.69 -7.06 -22.43
CA ASP A 422 -15.30 -8.14 -23.18
C ASP A 422 -16.74 -7.81 -23.60
N THR A 423 -17.26 -6.67 -23.17
CA THR A 423 -18.58 -6.21 -23.60
C THR A 423 -18.54 -4.93 -24.42
N LEU A 424 -17.39 -4.27 -24.53
CA LEU A 424 -17.30 -2.98 -25.20
C LEU A 424 -17.51 -3.15 -26.69
N ASN A 425 -18.55 -2.48 -27.22
CA ASN A 425 -18.88 -2.54 -28.64
C ASN A 425 -18.99 -3.97 -29.14
N ARG A 426 -19.45 -4.87 -28.27
CA ARG A 426 -19.66 -6.25 -28.65
C ARG A 426 -20.87 -6.35 -29.59
N GLU A 427 -20.71 -7.07 -30.69
CA GLU A 427 -21.71 -7.12 -31.74
C GLU A 427 -22.78 -8.16 -31.43
N GLY A 428 -23.97 -7.95 -32.00
CA GLY A 428 -25.01 -8.94 -31.99
C GLY A 428 -25.80 -9.10 -30.71
N CYS A 429 -25.77 -8.11 -29.83
CA CYS A 429 -26.50 -8.19 -28.57
C CYS A 429 -27.87 -7.54 -28.72
N ARG A 430 -28.79 -7.91 -27.81
CA ARG A 430 -30.14 -7.38 -27.80
C ARG A 430 -30.29 -6.18 -26.89
N GLU A 431 -29.33 -5.92 -26.01
CA GLU A 431 -29.41 -4.84 -25.04
C GLU A 431 -28.04 -4.17 -24.93
N TYR A 432 -28.03 -2.84 -24.94
CA TYR A 432 -26.81 -2.08 -24.86
C TYR A 432 -27.00 -0.90 -23.92
N ASP A 433 -25.93 -0.54 -23.23
CA ASP A 433 -25.89 0.70 -22.46
C ASP A 433 -24.80 1.59 -23.04
N VAL A 434 -25.11 2.87 -23.19
CA VAL A 434 -24.25 3.82 -23.88
C VAL A 434 -23.72 4.81 -22.86
N ALA A 435 -22.40 4.93 -22.79
CA ALA A 435 -21.78 5.86 -21.85
C ALA A 435 -22.00 7.29 -22.33
N PRO A 436 -22.40 8.21 -21.45
CA PRO A 436 -22.61 9.59 -21.87
C PRO A 436 -21.31 10.22 -22.37
N GLU A 437 -21.48 11.24 -23.21
CA GLU A 437 -20.37 12.03 -23.77
C GLU A 437 -19.41 11.18 -24.60
N VAL A 438 -18.85 10.12 -24.01
CA VAL A 438 -17.84 9.33 -24.70
C VAL A 438 -18.46 8.29 -25.63
N GLY A 439 -19.69 7.89 -25.39
CA GLY A 439 -20.47 7.15 -26.36
C GLY A 439 -20.17 5.67 -26.48
N HIS A 440 -19.24 5.13 -25.71
CA HIS A 440 -18.96 3.71 -25.76
C HIS A 440 -20.18 2.90 -25.36
N LYS A 441 -20.40 1.80 -26.07
CA LYS A 441 -21.55 0.93 -25.83
C LYS A 441 -21.09 -0.35 -25.17
N PHE A 442 -21.96 -0.90 -24.32
CA PHE A 442 -21.64 -2.11 -23.57
C PHE A 442 -22.79 -3.09 -23.69
N CYS A 443 -22.46 -4.30 -24.12
CA CYS A 443 -23.44 -5.37 -24.23
C CYS A 443 -23.93 -5.79 -22.86
N LYS A 444 -25.24 -5.93 -22.71
CA LYS A 444 -25.85 -6.31 -21.44
C LYS A 444 -26.42 -7.73 -21.46
N ASP A 445 -26.29 -8.44 -22.57
CA ASP A 445 -26.89 -9.77 -22.68
C ASP A 445 -26.24 -10.77 -21.74
N PHE A 446 -24.94 -10.61 -21.46
CA PHE A 446 -24.18 -11.56 -20.67
C PHE A 446 -23.26 -10.79 -19.74
N PRO A 447 -23.00 -11.31 -18.55
CA PRO A 447 -22.14 -10.59 -17.59
C PRO A 447 -20.70 -10.56 -18.08
N GLY A 448 -20.11 -9.37 -18.07
CA GLY A 448 -18.70 -9.25 -18.37
C GLY A 448 -17.85 -9.82 -17.26
N PHE A 449 -16.58 -10.09 -17.59
CA PHE A 449 -15.66 -10.67 -16.61
C PHE A 449 -15.57 -9.80 -15.36
N ILE A 450 -15.08 -8.56 -15.51
CA ILE A 450 -14.92 -7.69 -14.35
C ILE A 450 -16.25 -7.39 -13.66
N PRO A 451 -17.32 -6.99 -14.38
CA PRO A 451 -18.60 -6.73 -13.67
C PRO A 451 -19.08 -7.92 -12.85
N SER A 452 -18.98 -9.14 -13.39
CA SER A 452 -19.37 -10.32 -12.62
C SER A 452 -18.50 -10.48 -11.38
N LEU A 453 -17.21 -10.15 -11.49
CA LEU A 453 -16.33 -10.23 -10.34
C LEU A 453 -16.73 -9.22 -9.28
N LEU A 454 -17.02 -7.98 -9.68
CA LEU A 454 -17.41 -6.96 -8.72
C LEU A 454 -18.72 -7.31 -8.04
N GLY A 455 -19.64 -7.95 -8.77
CA GLY A 455 -20.87 -8.40 -8.15
C GLY A 455 -20.63 -9.38 -7.03
N ASP A 456 -19.77 -10.37 -7.28
CA ASP A 456 -19.40 -11.30 -6.22
C ASP A 456 -18.71 -10.59 -5.06
N LEU A 457 -17.91 -9.56 -5.37
CA LEU A 457 -17.20 -8.84 -4.30
C LEU A 457 -18.17 -8.04 -3.44
N LEU A 458 -19.05 -7.24 -4.07
CA LEU A 458 -20.00 -6.44 -3.29
C LEU A 458 -21.00 -7.34 -2.57
N GLU A 459 -21.39 -8.46 -3.19
CA GLU A 459 -22.15 -9.48 -2.48
C GLU A 459 -21.43 -9.90 -1.20
N GLU A 460 -20.20 -10.41 -1.37
CA GLU A 460 -19.43 -10.91 -0.24
C GLU A 460 -19.32 -9.88 0.87
N ARG A 461 -19.17 -8.60 0.51
CA ARG A 461 -19.09 -7.57 1.54
C ARG A 461 -20.39 -7.47 2.34
N GLN A 462 -21.53 -7.59 1.66
CA GLN A 462 -22.81 -7.61 2.37
C GLN A 462 -22.90 -8.82 3.29
N LYS A 463 -22.39 -9.97 2.85
CA LYS A 463 -22.39 -11.16 3.68
C LYS A 463 -21.48 -10.99 4.90
N VAL A 464 -20.35 -10.30 4.71
CA VAL A 464 -19.44 -10.07 5.83
C VAL A 464 -20.03 -9.05 6.79
N LYS A 465 -20.59 -7.96 6.26
CA LYS A 465 -21.25 -6.97 7.09
C LYS A 465 -22.42 -7.57 7.86
N LYS A 466 -23.11 -8.54 7.27
CA LYS A 466 -24.21 -9.19 7.96
C LYS A 466 -23.70 -10.00 9.16
N LYS A 467 -22.67 -10.82 8.94
CA LYS A 467 -22.09 -11.57 10.04
C LYS A 467 -21.52 -10.63 11.11
N MET A 468 -20.90 -9.53 10.68
CA MET A 468 -20.34 -8.57 11.62
C MET A 468 -21.40 -7.96 12.52
N LYS A 469 -22.62 -7.83 12.01
CA LYS A 469 -23.71 -7.35 12.86
C LYS A 469 -24.05 -8.37 13.94
N ALA A 470 -24.20 -9.64 13.55
CA ALA A 470 -24.70 -10.68 14.44
C ALA A 470 -23.61 -11.60 14.97
N THR A 471 -22.48 -11.04 15.40
CA THR A 471 -21.39 -11.79 16.00
C THR A 471 -21.08 -11.16 17.34
N ILE A 472 -20.53 -11.95 18.27
CA ILE A 472 -20.26 -11.48 19.62
C ILE A 472 -18.78 -11.15 19.82
N ASP A 473 -17.88 -12.09 19.47
CA ASP A 473 -16.45 -11.97 19.73
C ASP A 473 -15.90 -10.65 19.20
N PRO A 474 -15.49 -9.74 20.09
CA PRO A 474 -14.99 -8.43 19.62
C PRO A 474 -13.78 -8.55 18.71
N ILE A 475 -12.96 -9.59 18.89
CA ILE A 475 -11.86 -9.82 17.95
C ILE A 475 -12.41 -10.25 16.59
N GLU A 476 -13.43 -11.12 16.60
CA GLU A 476 -14.00 -11.59 15.34
C GLU A 476 -14.71 -10.47 14.60
N LYS A 477 -15.45 -9.63 15.33
CA LYS A 477 -16.04 -8.44 14.72
C LYS A 477 -14.99 -7.56 14.06
N LYS A 478 -13.83 -7.42 14.71
CA LYS A 478 -12.76 -6.60 14.14
C LYS A 478 -12.19 -7.26 12.89
N LEU A 479 -11.93 -8.57 12.94
CA LEU A 479 -11.40 -9.27 11.78
C LEU A 479 -12.37 -9.18 10.61
N LEU A 480 -13.68 -9.28 10.88
CA LEU A 480 -14.68 -9.10 9.84
C LEU A 480 -14.69 -7.67 9.31
N ASP A 481 -14.52 -6.69 10.20
CA ASP A 481 -14.45 -5.30 9.76
C ASP A 481 -13.27 -5.07 8.84
N TYR A 482 -12.14 -5.73 9.13
CA TYR A 482 -11.02 -5.71 8.20
C TYR A 482 -11.42 -6.23 6.83
N ARG A 483 -12.10 -7.37 6.79
CA ARG A 483 -12.44 -8.00 5.52
C ARG A 483 -13.35 -7.11 4.68
N GLN A 484 -14.48 -6.66 5.24
CA GLN A 484 -15.42 -5.86 4.47
C GLN A 484 -14.77 -4.56 4.00
N ARG A 485 -13.90 -3.97 4.82
CA ARG A 485 -13.19 -2.76 4.42
C ARG A 485 -12.21 -3.05 3.30
N LEU A 486 -11.53 -4.19 3.37
CA LEU A 486 -10.62 -4.57 2.30
C LEU A 486 -11.38 -4.86 1.01
N ILE A 487 -12.57 -5.50 1.11
CA ILE A 487 -13.38 -5.74 -0.08
C ILE A 487 -13.77 -4.43 -0.72
N LYS A 488 -14.11 -3.42 0.09
CA LYS A 488 -14.48 -2.12 -0.45
C LYS A 488 -13.31 -1.45 -1.15
N ILE A 489 -12.12 -1.52 -0.55
CA ILE A 489 -10.96 -0.90 -1.18
C ILE A 489 -10.63 -1.61 -2.48
N LEU A 490 -10.70 -2.95 -2.49
CA LEU A 490 -10.40 -3.70 -3.69
C LEU A 490 -11.37 -3.36 -4.81
N ALA A 491 -12.67 -3.32 -4.49
CA ALA A 491 -13.68 -3.05 -5.50
C ALA A 491 -13.53 -1.64 -6.05
N ASN A 492 -13.38 -0.65 -5.17
CA ASN A 492 -13.33 0.74 -5.59
C ASN A 492 -12.09 1.05 -6.44
N SER A 493 -11.06 0.23 -6.35
CA SER A 493 -9.87 0.45 -7.16
C SER A 493 -10.02 -0.14 -8.55
N PHE A 494 -11.15 -0.80 -8.83
CA PHE A 494 -11.29 -1.47 -10.11
C PHE A 494 -11.57 -0.49 -11.24
N TYR A 495 -12.19 0.64 -10.95
CA TYR A 495 -12.32 1.67 -11.97
C TYR A 495 -10.95 2.06 -12.49
N GLY A 496 -10.06 2.50 -11.58
CA GLY A 496 -8.77 3.01 -11.99
C GLY A 496 -7.91 1.96 -12.65
N TYR A 497 -8.15 0.68 -12.32
CA TYR A 497 -7.42 -0.41 -12.96
C TYR A 497 -7.55 -0.35 -14.47
N TYR A 498 -8.76 -0.07 -14.96
CA TYR A 498 -8.99 0.00 -16.41
C TYR A 498 -8.04 0.97 -17.09
N GLY A 499 -7.57 2.00 -16.37
CA GLY A 499 -6.60 2.94 -16.87
C GLY A 499 -5.17 2.68 -16.45
N TYR A 500 -4.94 1.63 -15.66
CA TYR A 500 -3.59 1.27 -15.22
C TYR A 500 -2.79 0.74 -16.40
N ALA A 501 -1.65 1.40 -16.68
CA ALA A 501 -0.91 1.12 -17.90
C ALA A 501 -0.35 -0.30 -17.92
N LYS A 502 -0.09 -0.89 -16.76
CA LYS A 502 0.46 -2.24 -16.70
C LYS A 502 -0.62 -3.32 -16.67
N ALA A 503 -1.90 -2.92 -16.63
CA ALA A 503 -3.00 -3.86 -16.43
C ALA A 503 -3.13 -4.85 -17.59
N ARG A 504 -3.40 -6.10 -17.26
CA ARG A 504 -3.69 -7.09 -18.31
C ARG A 504 -5.00 -6.78 -18.99
N TRP A 505 -6.05 -6.49 -18.22
CA TRP A 505 -7.36 -6.10 -18.73
C TRP A 505 -7.47 -4.59 -18.80
N TYR A 506 -6.51 -3.96 -19.48
CA TYR A 506 -6.56 -2.51 -19.66
C TYR A 506 -7.65 -2.15 -20.65
N CYS A 507 -8.40 -1.09 -20.33
CA CYS A 507 -9.49 -0.65 -21.20
C CYS A 507 -9.74 0.85 -20.93
N LYS A 508 -9.06 1.70 -21.70
CA LYS A 508 -9.27 3.13 -21.55
C LYS A 508 -10.74 3.51 -21.81
N GLU A 509 -11.36 2.87 -22.80
CA GLU A 509 -12.76 3.15 -23.09
C GLU A 509 -13.65 2.79 -21.91
N CYS A 510 -13.31 1.73 -21.18
CA CYS A 510 -14.06 1.38 -19.99
C CYS A 510 -13.85 2.42 -18.90
N ALA A 511 -12.59 2.73 -18.60
CA ALA A 511 -12.28 3.76 -17.62
C ALA A 511 -12.93 5.09 -17.97
N GLU A 512 -12.88 5.47 -19.25
CA GLU A 512 -13.56 6.67 -19.72
C GLU A 512 -15.05 6.61 -19.43
N SER A 513 -15.65 5.42 -19.53
CA SER A 513 -17.09 5.29 -19.36
C SER A 513 -17.50 5.39 -17.90
N VAL A 514 -16.67 4.89 -16.98
CA VAL A 514 -17.00 4.98 -15.56
C VAL A 514 -17.01 6.43 -15.10
N THR A 515 -15.96 7.19 -15.41
CA THR A 515 -15.92 8.59 -15.00
C THR A 515 -17.01 9.40 -15.71
N ALA A 516 -17.29 9.10 -16.97
CA ALA A 516 -18.33 9.84 -17.67
C ALA A 516 -19.70 9.58 -17.03
N TRP A 517 -20.00 8.32 -16.72
CA TRP A 517 -21.25 8.02 -16.04
C TRP A 517 -21.29 8.67 -14.66
N GLY A 518 -20.18 8.58 -13.91
CA GLY A 518 -20.13 9.22 -12.61
C GLY A 518 -20.33 10.72 -12.70
N ARG A 519 -19.73 11.34 -13.70
CA ARG A 519 -19.93 12.78 -13.89
C ARG A 519 -21.39 13.09 -14.19
N GLN A 520 -22.06 12.23 -14.96
CA GLN A 520 -23.47 12.48 -15.27
C GLN A 520 -24.33 12.27 -14.03
N TYR A 521 -24.04 11.23 -13.24
CA TYR A 521 -24.91 10.90 -12.11
C TYR A 521 -24.82 11.95 -11.01
N ILE A 522 -23.62 12.45 -10.73
CA ILE A 522 -23.48 13.44 -9.67
C ILE A 522 -24.08 14.77 -10.10
N GLU A 523 -23.86 15.19 -11.35
CA GLU A 523 -24.43 16.44 -11.81
C GLU A 523 -25.95 16.36 -11.91
N THR A 524 -26.49 15.17 -12.16
CA THR A 524 -27.93 15.00 -12.21
C THR A 524 -28.55 15.11 -10.82
N THR A 525 -27.91 14.48 -9.83
CA THR A 525 -28.39 14.57 -8.47
C THR A 525 -28.28 15.99 -7.93
N ILE A 526 -27.14 16.65 -8.19
CA ILE A 526 -26.97 18.03 -7.77
C ILE A 526 -28.02 18.94 -8.41
N ARG A 527 -28.38 18.65 -9.65
CA ARG A 527 -29.41 19.45 -10.31
C ARG A 527 -30.79 19.14 -9.76
N GLU A 528 -31.07 17.86 -9.48
CA GLU A 528 -32.39 17.49 -8.97
C GLU A 528 -32.65 18.09 -7.60
N ILE A 529 -31.64 18.05 -6.72
CA ILE A 529 -31.85 18.57 -5.37
C ILE A 529 -31.96 20.09 -5.38
N GLU A 530 -31.37 20.75 -6.38
CA GLU A 530 -31.49 22.20 -6.47
C GLU A 530 -32.76 22.61 -7.21
N GLU A 531 -33.28 21.75 -8.08
CA GLU A 531 -34.51 22.05 -8.82
C GLU A 531 -35.74 21.77 -7.97
N LYS A 532 -36.02 20.50 -7.72
CA LYS A 532 -37.28 20.11 -7.09
C LYS A 532 -37.31 20.35 -5.59
N PHE A 533 -36.14 20.42 -4.93
CA PHE A 533 -36.08 20.45 -3.48
C PHE A 533 -35.46 21.73 -2.94
N GLY A 534 -35.27 22.76 -3.77
CA GLY A 534 -34.81 24.05 -3.30
C GLY A 534 -33.50 24.05 -2.56
N PHE A 535 -32.72 22.96 -2.64
CA PHE A 535 -31.43 22.90 -1.98
C PHE A 535 -30.40 23.74 -2.72
N LYS A 536 -29.36 24.15 -1.99
CA LYS A 536 -28.19 24.76 -2.58
C LYS A 536 -26.99 23.88 -2.25
N VAL A 537 -26.33 23.38 -3.28
CA VAL A 537 -25.15 22.54 -3.11
C VAL A 537 -23.93 23.45 -2.97
N LEU A 538 -23.15 23.22 -1.92
CA LEU A 538 -22.03 24.09 -1.60
C LEU A 538 -20.73 23.54 -2.21
N TYR A 539 -20.28 22.41 -1.71
CA TYR A 539 -19.09 21.74 -2.20
C TYR A 539 -19.47 20.39 -2.79
N ALA A 540 -18.77 19.99 -3.84
CA ALA A 540 -19.06 18.72 -4.49
C ALA A 540 -17.79 18.17 -5.12
N ASP A 541 -17.56 16.87 -4.94
CA ASP A 541 -16.35 16.22 -5.46
C ASP A 541 -16.70 14.79 -5.86
N THR A 542 -16.69 14.51 -7.16
CA THR A 542 -16.82 13.17 -7.71
C THR A 542 -18.13 12.63 -7.16
N ASP A 543 -18.08 11.56 -6.35
CA ASP A 543 -19.28 10.86 -5.92
C ASP A 543 -20.15 11.42 -4.80
N GLY A 544 -19.89 12.63 -4.34
CA GLY A 544 -20.66 13.18 -3.24
C GLY A 544 -20.62 14.69 -3.22
N PHE A 545 -21.42 15.27 -2.34
CA PHE A 545 -21.52 16.72 -2.26
C PHE A 545 -21.93 17.14 -0.86
N PHE A 546 -21.88 18.46 -0.63
CA PHE A 546 -22.37 19.10 0.58
C PHE A 546 -23.48 20.06 0.17
N ALA A 547 -24.66 19.91 0.76
CA ALA A 547 -25.81 20.72 0.38
C ALA A 547 -26.49 21.26 1.63
N THR A 548 -27.41 22.20 1.42
CA THR A 548 -28.20 22.78 2.48
C THR A 548 -29.34 23.58 1.86
N ILE A 549 -30.26 24.03 2.70
CA ILE A 549 -31.30 24.99 2.33
C ILE A 549 -31.02 26.28 3.11
N PRO A 550 -30.73 27.38 2.43
CA PRO A 550 -30.35 28.61 3.15
C PRO A 550 -31.50 29.14 4.01
N GLY A 551 -31.20 29.40 5.28
CA GLY A 551 -32.16 29.92 6.23
C GLY A 551 -32.98 28.87 6.94
N ALA A 552 -33.21 27.72 6.31
CA ALA A 552 -33.98 26.65 6.93
C ALA A 552 -33.30 26.17 8.20
N ASP A 553 -34.10 25.72 9.17
CA ASP A 553 -33.56 25.27 10.43
C ASP A 553 -32.82 23.94 10.24
N ALA A 554 -32.07 23.56 11.28
CA ALA A 554 -31.20 22.38 11.17
C ALA A 554 -32.02 21.11 10.95
N GLU A 555 -33.17 20.99 11.61
CA GLU A 555 -33.97 19.77 11.53
C GLU A 555 -34.63 19.64 10.16
N THR A 556 -35.24 20.72 9.66
CA THR A 556 -35.89 20.66 8.36
C THR A 556 -34.89 20.47 7.23
N VAL A 557 -33.62 20.86 7.42
CA VAL A 557 -32.60 20.55 6.43
C VAL A 557 -32.39 19.04 6.36
N LYS A 558 -32.37 18.38 7.53
CA LYS A 558 -32.24 16.93 7.57
C LYS A 558 -33.43 16.25 6.91
N LYS A 559 -34.64 16.57 7.36
CA LYS A 559 -35.82 15.84 6.90
C LYS A 559 -36.08 16.06 5.41
N LYS A 560 -35.67 17.20 4.86
CA LYS A 560 -35.82 17.42 3.42
C LYS A 560 -34.78 16.66 2.62
N ALA A 561 -33.63 16.36 3.22
CA ALA A 561 -32.62 15.57 2.52
C ALA A 561 -33.06 14.11 2.40
N LYS A 562 -33.59 13.56 3.49
CA LYS A 562 -34.11 12.18 3.44
C LYS A 562 -35.24 12.07 2.43
N GLU A 563 -36.07 13.10 2.33
CA GLU A 563 -37.05 13.17 1.25
C GLU A 563 -36.40 13.03 -0.11
N PHE A 564 -35.28 13.74 -0.32
CA PHE A 564 -34.59 13.67 -1.61
C PHE A 564 -33.91 12.33 -1.82
N LEU A 565 -33.55 11.64 -0.74
CA LEU A 565 -32.90 10.34 -0.86
C LEU A 565 -33.85 9.32 -1.50
N ASP A 566 -35.08 9.23 -1.00
CA ASP A 566 -36.03 8.27 -1.54
C ASP A 566 -36.52 8.67 -2.93
N TYR A 567 -36.50 9.96 -3.25
CA TYR A 567 -36.91 10.40 -4.58
C TYR A 567 -35.89 10.00 -5.63
N ILE A 568 -34.63 10.36 -5.42
CA ILE A 568 -33.60 10.15 -6.44
C ILE A 568 -33.23 8.68 -6.54
N ASN A 569 -33.32 7.93 -5.44
CA ASN A 569 -32.91 6.53 -5.46
C ASN A 569 -33.91 5.66 -6.21
N ALA A 570 -35.16 6.11 -6.33
CA ALA A 570 -36.13 5.37 -7.12
C ALA A 570 -35.75 5.40 -8.59
N LYS A 571 -35.55 6.59 -9.15
CA LYS A 571 -35.18 6.73 -10.55
C LYS A 571 -33.77 6.30 -10.84
N LEU A 572 -32.94 6.09 -9.82
CA LEU A 572 -31.57 5.67 -10.04
C LEU A 572 -31.54 4.22 -10.52
N PRO A 573 -30.79 3.91 -11.56
CA PRO A 573 -30.74 2.54 -12.08
C PRO A 573 -29.77 1.66 -11.31
N GLY A 574 -30.03 0.36 -11.37
CA GLY A 574 -29.10 -0.63 -10.88
C GLY A 574 -28.69 -0.42 -9.44
N LEU A 575 -27.41 -0.69 -9.16
CA LEU A 575 -26.88 -0.58 -7.80
C LEU A 575 -26.56 0.85 -7.41
N LEU A 576 -26.89 1.82 -8.25
CA LEU A 576 -26.61 3.21 -7.94
C LEU A 576 -27.56 3.70 -6.84
N GLU A 577 -27.00 4.18 -5.74
CA GLU A 577 -27.81 4.68 -4.65
C GLU A 577 -27.06 5.78 -3.92
N LEU A 578 -27.81 6.73 -3.40
CA LEU A 578 -27.25 7.81 -2.59
C LEU A 578 -27.47 7.49 -1.12
N GLU A 579 -26.46 7.79 -0.29
CA GLU A 579 -26.52 7.52 1.13
C GLU A 579 -26.43 8.83 1.91
N TYR A 580 -26.72 8.75 3.20
CA TYR A 580 -26.69 9.89 4.10
C TYR A 580 -25.38 9.85 4.88
N GLU A 581 -24.47 10.77 4.57
CA GLU A 581 -23.19 10.81 5.27
C GLU A 581 -23.35 11.34 6.69
N GLY A 582 -23.96 12.50 6.83
CA GLY A 582 -24.17 13.07 8.14
C GLY A 582 -24.45 14.55 8.07
N PHE A 583 -25.00 15.07 9.17
CA PHE A 583 -25.23 16.50 9.32
C PHE A 583 -24.03 17.11 10.04
N TYR A 584 -23.69 18.34 9.66
CA TYR A 584 -22.59 19.07 10.26
C TYR A 584 -23.03 20.49 10.51
N LYS A 585 -22.77 21.01 11.72
CA LYS A 585 -23.23 22.35 12.08
C LYS A 585 -22.73 23.40 11.09
N ARG A 586 -21.42 23.55 11.00
CA ARG A 586 -20.80 24.57 10.15
C ARG A 586 -19.74 23.92 9.28
N GLY A 587 -19.37 24.64 8.22
CA GLY A 587 -18.36 24.13 7.31
C GLY A 587 -17.74 25.20 6.44
N PHE A 588 -16.44 25.40 6.57
CA PHE A 588 -15.72 26.35 5.74
C PHE A 588 -15.13 25.60 4.55
N PHE A 589 -15.48 26.02 3.35
CA PHE A 589 -14.95 25.47 2.11
C PHE A 589 -13.96 26.50 1.57
N VAL A 590 -12.68 26.30 1.89
CA VAL A 590 -11.66 27.26 1.46
C VAL A 590 -11.57 27.29 -0.06
N THR A 591 -11.39 26.12 -0.67
CA THR A 591 -11.26 26.01 -2.12
C THR A 591 -11.46 24.55 -2.51
N LYS A 592 -11.34 24.27 -3.81
CA LYS A 592 -11.44 22.89 -4.29
C LYS A 592 -10.47 21.99 -3.53
N LYS A 593 -10.99 20.87 -3.02
CA LYS A 593 -10.25 19.85 -2.28
C LYS A 593 -9.80 20.35 -0.91
N LYS A 594 -10.02 21.63 -0.61
CA LYS A 594 -9.53 22.23 0.63
C LYS A 594 -10.71 22.77 1.42
N TYR A 595 -11.12 22.02 2.45
CA TYR A 595 -12.25 22.41 3.27
C TYR A 595 -12.14 21.71 4.61
N ALA A 596 -12.96 22.18 5.55
CA ALA A 596 -13.12 21.54 6.85
C ALA A 596 -14.56 21.70 7.27
N VAL A 597 -15.00 20.84 8.18
CA VAL A 597 -16.42 20.75 8.49
C VAL A 597 -16.56 20.14 9.88
N ILE A 598 -17.45 20.73 10.68
CA ILE A 598 -17.60 20.38 12.09
C ILE A 598 -18.94 19.67 12.29
N ASP A 599 -18.91 18.51 12.93
CA ASP A 599 -20.12 17.76 13.22
C ASP A 599 -20.79 18.36 14.46
N GLU A 600 -21.84 17.69 14.96
CA GLU A 600 -22.55 18.18 16.13
C GLU A 600 -21.80 17.95 17.44
N GLU A 601 -20.91 16.96 17.48
CA GLU A 601 -20.15 16.65 18.69
C GLU A 601 -18.87 17.47 18.78
N ASP A 602 -18.72 18.51 17.97
CA ASP A 602 -17.64 19.49 18.09
C ASP A 602 -16.26 18.86 17.82
N LYS A 603 -16.21 17.92 16.87
CA LYS A 603 -14.94 17.36 16.42
C LYS A 603 -14.77 17.68 14.93
N ILE A 604 -13.85 18.60 14.62
CA ILE A 604 -13.64 19.03 13.25
C ILE A 604 -13.05 17.89 12.43
N THR A 605 -13.55 17.74 11.21
CA THR A 605 -12.94 16.87 10.22
C THR A 605 -12.24 17.74 9.18
N THR A 606 -10.99 17.40 8.86
CA THR A 606 -10.14 18.22 8.02
C THR A 606 -9.79 17.46 6.74
N ARG A 607 -9.89 18.15 5.60
CA ARG A 607 -9.56 17.58 4.30
C ARG A 607 -8.73 18.56 3.50
N GLY A 608 -7.60 18.10 2.97
CA GLY A 608 -6.86 18.85 1.98
C GLY A 608 -6.10 20.06 2.47
N LEU A 609 -6.47 20.59 3.62
CA LEU A 609 -5.76 21.74 4.17
C LEU A 609 -4.33 21.35 4.54
N GLU A 610 -3.49 22.38 4.70
CA GLU A 610 -2.08 22.14 5.02
C GLU A 610 -1.90 21.37 6.32
N ILE A 611 -2.92 21.37 7.19
CA ILE A 611 -2.88 20.58 8.41
C ILE A 611 -2.53 19.12 8.11
N VAL A 612 -3.09 18.57 7.04
CA VAL A 612 -2.93 17.14 6.74
C VAL A 612 -1.75 16.84 5.84
N ARG A 613 -1.09 17.85 5.29
CA ARG A 613 -0.01 17.62 4.34
C ARG A 613 1.32 17.49 5.05
N ARG A 614 2.16 16.58 4.54
CA ARG A 614 3.45 16.30 5.17
C ARG A 614 4.54 17.27 4.74
N ASP A 615 4.36 17.95 3.61
CA ASP A 615 5.34 18.92 3.12
C ASP A 615 5.16 20.30 3.73
N TRP A 616 4.35 20.41 4.78
CA TRP A 616 4.19 21.63 5.55
C TRP A 616 4.69 21.36 6.96
N SER A 617 5.41 22.34 7.52
CA SER A 617 6.03 22.14 8.81
C SER A 617 4.96 22.10 9.91
N GLU A 618 5.32 21.46 11.03
CA GLU A 618 4.37 21.30 12.13
C GLU A 618 3.96 22.66 12.69
N ILE A 619 4.87 23.62 12.72
CA ILE A 619 4.55 24.96 13.22
C ILE A 619 3.46 25.59 12.38
N ALA A 620 3.46 25.32 11.07
CA ALA A 620 2.39 25.83 10.22
C ALA A 620 1.10 25.04 10.40
N LYS A 621 1.22 23.72 10.49
CA LYS A 621 0.02 22.88 10.67
C LYS A 621 -0.68 23.21 11.97
N GLU A 622 0.08 23.20 13.07
CA GLU A 622 -0.51 23.46 14.39
C GLU A 622 -1.22 24.79 14.42
N THR A 623 -0.57 25.85 13.91
CA THR A 623 -1.18 27.18 13.93
C THR A 623 -2.45 27.21 13.09
N GLN A 624 -2.39 26.64 11.88
CA GLN A 624 -3.59 26.55 11.06
C GLN A 624 -4.67 25.73 11.74
N ALA A 625 -4.29 24.62 12.39
CA ALA A 625 -5.25 23.82 13.13
C ALA A 625 -5.90 24.63 14.24
N ARG A 626 -5.09 25.29 15.06
CA ARG A 626 -5.62 26.10 16.16
C ARG A 626 -6.44 27.26 15.63
N VAL A 627 -5.98 27.89 14.55
CA VAL A 627 -6.74 28.99 13.95
C VAL A 627 -8.07 28.50 13.43
N LEU A 628 -8.06 27.40 12.67
CA LEU A 628 -9.30 26.83 12.15
C LEU A 628 -10.21 26.38 13.28
N GLU A 629 -9.63 25.81 14.35
CA GLU A 629 -10.43 25.39 15.49
C GLU A 629 -11.16 26.56 16.12
N ALA A 630 -10.64 27.77 15.96
CA ALA A 630 -11.31 28.95 16.50
C ALA A 630 -12.52 29.34 15.66
N ILE A 631 -12.29 29.68 14.40
CA ILE A 631 -13.38 30.18 13.56
C ILE A 631 -14.48 29.14 13.40
N LEU A 632 -14.10 27.87 13.28
CA LEU A 632 -15.11 26.82 13.10
C LEU A 632 -15.89 26.59 14.38
N LYS A 633 -15.19 26.26 15.48
CA LYS A 633 -15.87 25.98 16.74
C LYS A 633 -16.24 27.26 17.48
N HIS A 634 -15.23 27.99 17.95
CA HIS A 634 -15.44 29.16 18.80
C HIS A 634 -15.72 30.44 18.03
N GLY A 635 -15.61 30.42 16.70
CA GLY A 635 -15.96 31.57 15.89
C GLY A 635 -15.17 32.83 16.20
N ASP A 636 -14.06 32.72 16.92
CA ASP A 636 -13.29 33.88 17.36
C ASP A 636 -12.19 34.16 16.33
N VAL A 637 -12.36 35.25 15.58
CA VAL A 637 -11.28 35.69 14.69
C VAL A 637 -10.20 36.41 15.47
N GLU A 638 -10.56 37.10 16.56
CA GLU A 638 -9.58 37.86 17.33
C GLU A 638 -8.55 36.94 17.97
N GLU A 639 -9.00 35.82 18.55
CA GLU A 639 -8.04 34.82 19.04
C GLU A 639 -7.18 34.31 17.90
N ALA A 640 -7.83 33.82 16.83
CA ALA A 640 -7.13 33.36 15.63
C ALA A 640 -6.02 34.33 15.23
N VAL A 641 -6.31 35.63 15.30
CA VAL A 641 -5.29 36.64 15.01
C VAL A 641 -4.20 36.63 16.08
N ARG A 642 -4.59 36.48 17.35
CA ARG A 642 -3.59 36.44 18.42
C ARG A 642 -2.69 35.22 18.32
N ILE A 643 -3.20 34.12 17.77
CA ILE A 643 -2.35 32.94 17.58
C ILE A 643 -1.27 33.22 16.53
N VAL A 644 -1.67 33.80 15.39
CA VAL A 644 -0.70 34.11 14.34
C VAL A 644 0.34 35.09 14.84
N LYS A 645 -0.11 36.18 15.48
CA LYS A 645 0.83 37.14 16.05
C LYS A 645 1.70 36.49 17.11
N GLU A 646 1.18 35.49 17.82
CA GLU A 646 1.97 34.74 18.81
C GLU A 646 3.10 33.99 18.13
N VAL A 647 2.76 33.02 17.27
CA VAL A 647 3.75 32.10 16.73
C VAL A 647 4.80 32.83 15.91
N THR A 648 4.46 34.00 15.35
CA THR A 648 5.44 34.76 14.61
C THR A 648 6.52 35.31 15.53
N GLU A 649 6.12 35.71 16.74
CA GLU A 649 7.09 36.30 17.66
C GLU A 649 8.03 35.26 18.22
N LYS A 650 7.54 34.05 18.51
CA LYS A 650 8.42 32.97 18.93
C LYS A 650 9.44 32.65 17.84
N LEU A 651 8.98 32.55 16.59
CA LEU A 651 9.89 32.30 15.48
C LEU A 651 10.94 33.41 15.36
N SER A 652 10.50 34.67 15.41
CA SER A 652 11.45 35.78 15.32
C SER A 652 12.40 35.80 16.51
N LYS A 653 11.90 35.42 17.69
CA LYS A 653 12.75 35.28 18.87
C LYS A 653 13.50 33.94 18.89
N TYR A 654 13.33 33.11 17.87
CA TYR A 654 14.03 31.82 17.75
C TYR A 654 13.69 30.87 18.90
N GLU A 655 12.47 30.95 19.41
CA GLU A 655 12.06 30.14 20.54
C GLU A 655 11.24 28.92 20.14
N VAL A 656 10.76 28.86 18.90
CA VAL A 656 10.02 27.66 18.47
C VAL A 656 11.00 26.52 18.31
N PRO A 657 10.67 25.31 18.77
CA PRO A 657 11.62 24.20 18.73
C PRO A 657 11.94 23.80 17.30
N PRO A 658 13.23 23.74 16.94
CA PRO A 658 13.62 23.41 15.56
C PRO A 658 12.95 22.18 14.96
N GLU A 659 12.59 21.19 15.79
CA GLU A 659 11.94 20.01 15.26
C GLU A 659 10.57 20.34 14.67
N LYS A 660 9.91 21.38 15.16
CA LYS A 660 8.67 21.88 14.55
C LYS A 660 8.90 22.61 13.23
N LEU A 661 10.14 22.65 12.74
CA LEU A 661 10.49 23.37 11.53
C LEU A 661 10.94 22.47 10.40
N VAL A 662 10.98 21.15 10.60
CA VAL A 662 11.44 20.24 9.57
C VAL A 662 10.32 20.04 8.54
N ILE A 663 10.69 19.99 7.27
CA ILE A 663 9.76 19.76 6.18
C ILE A 663 10.02 18.38 5.60
N TYR A 664 8.95 17.62 5.40
CA TYR A 664 9.04 16.24 4.91
C TYR A 664 8.56 16.21 3.46
N LYS A 665 9.49 15.98 2.53
CA LYS A 665 9.17 15.88 1.12
C LYS A 665 9.79 14.60 0.57
N GLN A 666 9.07 13.97 -0.36
CA GLN A 666 9.44 12.66 -0.88
C GLN A 666 10.20 12.80 -2.19
N ILE A 667 11.24 11.99 -2.34
CA ILE A 667 11.91 11.82 -3.62
C ILE A 667 11.10 10.83 -4.45
N THR A 668 10.67 11.24 -5.63
CA THR A 668 9.73 10.47 -6.43
C THR A 668 10.36 9.78 -7.62
N ARG A 669 11.65 9.98 -7.85
CA ARG A 669 12.30 9.47 -9.04
C ARG A 669 13.80 9.41 -8.77
N ASP A 670 14.52 8.86 -9.74
CA ASP A 670 15.97 8.98 -9.72
C ASP A 670 16.34 10.46 -9.71
N LEU A 671 17.25 10.85 -8.82
CA LEU A 671 17.64 12.23 -8.67
C LEU A 671 18.05 12.87 -9.99
N LYS A 672 18.44 12.06 -10.96
CA LYS A 672 18.96 12.52 -12.24
C LYS A 672 17.88 12.74 -13.27
N ASP A 673 16.68 12.22 -13.03
CA ASP A 673 15.53 12.51 -13.88
C ASP A 673 14.87 13.84 -13.54
N TYR A 674 15.31 14.49 -12.47
CA TYR A 674 14.77 15.80 -12.13
C TYR A 674 15.28 16.84 -13.12
N LYS A 675 14.36 17.64 -13.66
CA LYS A 675 14.74 18.72 -14.56
C LYS A 675 14.65 20.09 -13.88
N ALA A 676 14.37 20.12 -12.58
CA ALA A 676 14.29 21.36 -11.83
C ALA A 676 14.71 21.09 -10.40
N THR A 677 15.74 21.80 -9.94
CA THR A 677 16.21 21.62 -8.57
C THR A 677 15.24 22.25 -7.57
N GLY A 678 15.16 21.65 -6.40
CA GLY A 678 14.35 22.18 -5.33
C GLY A 678 15.08 22.07 -4.00
N PRO A 679 14.43 22.50 -2.93
CA PRO A 679 15.03 22.35 -1.60
C PRO A 679 15.31 20.89 -1.26
N HIS A 680 14.28 20.05 -1.33
CA HIS A 680 14.47 18.64 -1.00
C HIS A 680 15.36 17.94 -2.01
N VAL A 681 15.40 18.42 -3.26
CA VAL A 681 16.26 17.80 -4.27
C VAL A 681 17.73 18.07 -3.96
N ALA A 682 18.05 19.27 -3.48
CA ALA A 682 19.44 19.61 -3.17
C ALA A 682 19.91 18.88 -1.92
N VAL A 683 19.05 18.76 -0.92
CA VAL A 683 19.37 17.96 0.26
C VAL A 683 19.62 16.51 -0.13
N ALA A 684 18.85 16.01 -1.09
CA ALA A 684 19.03 14.63 -1.53
C ALA A 684 20.38 14.42 -2.18
N LYS A 685 20.87 15.40 -2.94
CA LYS A 685 22.18 15.27 -3.57
C LYS A 685 23.29 15.23 -2.53
N ARG A 686 23.15 15.99 -1.45
CA ARG A 686 24.13 15.94 -0.37
C ARG A 686 24.17 14.57 0.28
N LEU A 687 22.99 14.01 0.58
CA LEU A 687 22.93 12.67 1.15
C LEU A 687 23.43 11.64 0.15
N ALA A 688 23.15 11.84 -1.14
CA ALA A 688 23.69 10.94 -2.16
C ALA A 688 25.21 10.95 -2.15
N ALA A 689 25.82 12.12 -1.90
CA ALA A 689 27.27 12.19 -1.83
C ALA A 689 27.79 11.62 -0.52
N ARG A 690 27.00 11.68 0.54
CA ARG A 690 27.39 11.18 1.85
C ARG A 690 27.32 9.66 1.94
N GLY A 691 26.93 8.97 0.87
CA GLY A 691 26.70 7.54 0.92
C GLY A 691 25.33 7.14 1.39
N VAL A 692 24.44 8.09 1.64
CA VAL A 692 23.11 7.79 2.15
C VAL A 692 22.26 7.23 1.02
N LYS A 693 21.51 6.18 1.35
CA LYS A 693 20.59 5.53 0.41
C LYS A 693 19.56 6.52 -0.07
N ILE A 694 19.52 6.76 -1.38
CA ILE A 694 18.61 7.74 -1.99
C ILE A 694 17.91 7.04 -3.15
N ARG A 695 16.66 6.63 -2.93
CA ARG A 695 15.85 5.93 -3.90
C ARG A 695 14.49 6.58 -3.99
N PRO A 696 13.74 6.35 -5.07
CA PRO A 696 12.37 6.88 -5.14
C PRO A 696 11.54 6.36 -3.97
N GLY A 697 10.85 7.29 -3.31
CA GLY A 697 10.10 6.99 -2.12
C GLY A 697 10.80 7.39 -0.82
N THR A 698 12.07 7.75 -0.88
CA THR A 698 12.79 8.21 0.29
C THR A 698 12.25 9.56 0.73
N VAL A 699 11.76 9.64 1.96
CA VAL A 699 11.28 10.92 2.50
C VAL A 699 12.46 11.74 2.96
N ILE A 700 12.55 12.97 2.48
CA ILE A 700 13.63 13.88 2.85
C ILE A 700 13.15 14.76 4.00
N SER A 701 13.95 14.81 5.06
CA SER A 701 13.71 15.68 6.21
C SER A 701 14.78 16.76 6.21
N TYR A 702 14.36 18.01 6.08
CA TYR A 702 15.30 19.11 5.96
C TYR A 702 14.77 20.35 6.68
N ILE A 703 15.69 21.27 6.98
CA ILE A 703 15.40 22.53 7.61
C ILE A 703 16.02 23.64 6.78
N VAL A 704 15.40 24.82 6.79
CA VAL A 704 15.88 25.98 6.06
C VAL A 704 16.60 26.90 7.04
N LEU A 705 17.89 27.12 6.80
CA LEU A 705 18.68 28.00 7.65
C LEU A 705 18.64 29.43 7.12
N LYS A 706 19.00 30.36 8.01
CA LYS A 706 18.88 31.79 7.72
C LYS A 706 19.81 32.20 6.58
N GLY A 707 19.36 33.19 5.83
CA GLY A 707 20.10 33.67 4.68
C GLY A 707 19.13 34.18 3.63
N SER A 708 19.67 34.49 2.45
CA SER A 708 18.89 35.01 1.36
C SER A 708 19.23 34.29 0.07
N GLY A 709 18.25 34.20 -0.82
CA GLY A 709 18.44 33.55 -2.10
C GLY A 709 17.60 32.31 -2.28
N ARG A 710 18.11 31.36 -3.05
CA ARG A 710 17.40 30.10 -3.28
C ARG A 710 17.20 29.36 -1.96
N ILE A 711 15.97 28.86 -1.76
CA ILE A 711 15.71 28.07 -0.55
C ILE A 711 16.60 26.84 -0.52
N GLY A 712 16.88 26.26 -1.69
CA GLY A 712 17.74 25.09 -1.77
C GLY A 712 19.20 25.36 -1.43
N ASP A 713 19.63 26.61 -1.56
CA ASP A 713 20.97 26.98 -1.12
C ASP A 713 21.07 27.15 0.40
N ARG A 714 19.93 27.16 1.10
CA ARG A 714 19.90 27.36 2.55
C ARG A 714 19.27 26.17 3.28
N ALA A 715 19.16 25.02 2.62
CA ALA A 715 18.49 23.86 3.19
C ALA A 715 19.50 22.76 3.45
N ILE A 716 19.43 22.15 4.63
CA ILE A 716 20.31 21.04 4.98
C ILE A 716 19.48 19.92 5.60
N PRO A 717 19.93 18.67 5.54
CA PRO A 717 19.21 17.59 6.23
C PRO A 717 19.11 17.88 7.72
N PHE A 718 18.07 17.33 8.35
CA PHE A 718 17.87 17.61 9.77
C PHE A 718 18.95 16.96 10.63
N ASP A 719 19.50 15.83 10.21
CA ASP A 719 20.54 15.17 10.99
C ASP A 719 21.85 15.95 11.00
N GLU A 720 22.03 16.88 10.06
CA GLU A 720 23.17 17.78 10.06
C GLU A 720 22.92 19.07 10.82
N PHE A 721 21.68 19.32 11.24
CA PHE A 721 21.35 20.55 11.93
C PHE A 721 21.89 20.52 13.36
N ASP A 722 22.36 21.68 13.82
CA ASP A 722 22.95 21.83 15.14
C ASP A 722 22.75 23.27 15.60
N PRO A 723 21.89 23.51 16.61
CA PRO A 723 21.67 24.89 17.06
C PRO A 723 22.93 25.59 17.53
N THR A 724 23.94 24.84 17.99
CA THR A 724 25.19 25.44 18.46
C THR A 724 26.03 26.01 17.32
N LYS A 725 25.75 25.60 16.08
CA LYS A 725 26.47 26.13 14.92
C LYS A 725 25.56 26.56 13.78
N HIS A 726 24.26 26.34 13.87
CA HIS A 726 23.34 26.66 12.79
C HIS A 726 22.24 27.59 13.30
N LYS A 727 21.76 28.45 12.40
CA LYS A 727 20.70 29.40 12.69
C LYS A 727 19.60 29.22 11.65
N TYR A 728 18.39 28.92 12.11
CA TYR A 728 17.32 28.59 11.17
C TYR A 728 16.65 29.85 10.64
N ASP A 729 16.13 29.74 9.41
CA ASP A 729 15.51 30.86 8.69
C ASP A 729 14.10 31.09 9.23
N ALA A 730 14.03 31.82 10.35
CA ALA A 730 12.73 32.13 10.94
C ALA A 730 11.85 32.92 9.99
N GLU A 731 12.43 33.94 9.34
CA GLU A 731 11.66 34.75 8.39
C GLU A 731 10.97 33.88 7.35
N TYR A 732 11.65 32.81 6.90
CA TYR A 732 11.05 31.92 5.91
C TYR A 732 9.79 31.26 6.47
N TYR A 733 9.89 30.65 7.65
CA TYR A 733 8.76 29.95 8.24
C TYR A 733 7.65 30.90 8.67
N ILE A 734 7.93 32.19 8.77
CA ILE A 734 6.87 33.16 9.02
C ILE A 734 6.19 33.54 7.71
N GLU A 735 6.98 33.92 6.71
CA GLU A 735 6.40 34.49 5.50
C GLU A 735 5.93 33.41 4.50
N ASN A 736 6.59 32.26 4.48
CA ASN A 736 6.25 31.22 3.52
C ASN A 736 5.54 30.01 4.13
N GLN A 737 5.52 29.89 5.45
CA GLN A 737 4.96 28.71 6.11
C GLN A 737 3.70 29.07 6.92
N VAL A 738 3.86 29.85 7.99
CA VAL A 738 2.74 30.14 8.88
C VAL A 738 1.74 31.07 8.18
N LEU A 739 2.21 32.22 7.72
CA LEU A 739 1.31 33.24 7.19
C LEU A 739 0.48 32.77 5.99
N PRO A 740 1.03 32.05 4.99
CA PRO A 740 0.16 31.60 3.88
C PRO A 740 -0.95 30.66 4.31
N ALA A 741 -0.68 29.76 5.26
CA ALA A 741 -1.70 28.79 5.67
C ALA A 741 -2.85 29.47 6.39
N VAL A 742 -2.54 30.38 7.32
CA VAL A 742 -3.59 31.07 8.06
C VAL A 742 -4.30 32.09 7.18
N GLU A 743 -3.64 32.59 6.14
CA GLU A 743 -4.29 33.54 5.24
C GLU A 743 -5.49 32.92 4.54
N ARG A 744 -5.37 31.66 4.11
CA ARG A 744 -6.44 31.01 3.34
C ARG A 744 -7.73 30.94 4.13
N ILE A 745 -7.63 30.62 5.43
CA ILE A 745 -8.83 30.48 6.27
C ILE A 745 -9.44 31.86 6.55
N LEU A 746 -8.61 32.85 6.88
CA LEU A 746 -9.12 34.18 7.17
C LEU A 746 -9.72 34.84 5.93
N ARG A 747 -9.16 34.55 4.76
CA ARG A 747 -9.65 35.13 3.51
C ARG A 747 -10.91 34.41 3.05
#